data_6TMS
#
_entry.id   6TMS
#
_cell.length_a   45.880
_cell.length_b   54.330
_cell.length_c   79.333
_cell.angle_alpha   89.800
_cell.angle_beta   90.080
_cell.angle_gamma   89.770
#
_symmetry.space_group_name_H-M   'P 1'
#
loop_
_entity.id
_entity.type
_entity.pdbx_description
1 polymer 'a novel designed pore protein'
2 polymer 'a novel designed pore protein'
3 polymer 'affinity purification tag'
4 non-polymer 'SULFATE ION'
5 water water
#
loop_
_entity_poly.entity_id
_entity_poly.type
_entity_poly.pdbx_seq_one_letter_code
_entity_poly.pdbx_strand_id
1 'polypeptide(L)' TEDEIRKLRKLLEEAEKKLYKLEDKTRRSEEISKTDDDPKAQSLQLIAESLMLIAESLLIIAISLLLSS A,B,C,E,F,D,H,I,J,K
2 'polypeptide(L)' TEDEIRKLKKLLEEAEKKLYKLEDKTRRSEEISKTDDDPKAQSLQLIAESLMLIAESLLIIAISLLLSS G,L
3 'polypeptide(L)' HHHHHHSGLVPRGSHM Q,R
#
loop_
_chem_comp.id
_chem_comp.type
_chem_comp.name
_chem_comp.formula
SO4 non-polymer 'SULFATE ION' 'O4 S -2'
#
# COMPACT_ATOMS: atom_id res chain seq x y z
N THR A 1 45.68 -21.28 10.70
CA THR A 1 45.05 -22.24 9.76
C THR A 1 44.75 -21.66 8.37
N GLU A 2 45.88 -21.25 7.78
CA GLU A 2 45.90 -20.76 6.41
C GLU A 2 45.44 -21.87 5.45
N ASP A 3 45.62 -23.13 5.84
CA ASP A 3 45.28 -24.23 4.94
C ASP A 3 43.78 -24.29 4.77
N GLU A 4 43.10 -24.26 5.90
CA GLU A 4 41.65 -24.28 5.96
C GLU A 4 41.06 -23.00 5.41
N ILE A 5 41.67 -21.82 5.63
CA ILE A 5 41.07 -20.68 4.95
C ILE A 5 41.21 -20.88 3.44
N ARG A 6 42.26 -21.57 3.02
CA ARG A 6 42.47 -21.72 1.58
C ARG A 6 41.42 -22.61 0.95
N LYS A 7 41.14 -23.71 1.62
CA LYS A 7 40.15 -24.65 1.16
C LYS A 7 38.73 -24.15 1.42
N LEU A 8 38.54 -23.27 2.40
CA LEU A 8 37.27 -22.57 2.54
C LEU A 8 37.03 -21.61 1.39
N ARG A 9 38.09 -20.93 0.96
CA ARG A 9 37.97 -20.07 -0.21
C ARG A 9 37.81 -20.92 -1.45
N LYS A 10 38.31 -22.14 -1.37
CA LYS A 10 38.13 -23.11 -2.42
C LYS A 10 36.64 -23.43 -2.59
N LEU A 11 36.00 -23.85 -1.50
CA LEU A 11 34.57 -24.15 -1.56
C LEU A 11 33.80 -22.91 -1.94
N LEU A 12 34.29 -21.76 -1.54
CA LEU A 12 33.57 -20.53 -1.85
C LEU A 12 33.50 -20.32 -3.36
N GLU A 13 34.62 -20.48 -4.04
CA GLU A 13 34.56 -20.26 -5.46
C GLU A 13 34.01 -21.52 -6.18
N GLU A 14 34.08 -22.68 -5.52
CA GLU A 14 33.43 -23.87 -6.07
C GLU A 14 31.92 -23.66 -6.11
N ALA A 15 31.43 -22.97 -5.10
CA ALA A 15 30.02 -22.65 -5.05
C ALA A 15 29.64 -21.56 -6.07
N GLU A 16 30.55 -20.61 -6.35
CA GLU A 16 30.27 -19.58 -7.37
C GLU A 16 29.94 -20.20 -8.70
N LYS A 17 30.74 -21.19 -9.06
CA LYS A 17 30.62 -21.86 -10.34
C LYS A 17 29.37 -22.74 -10.40
N LYS A 18 29.04 -23.42 -9.31
CA LYS A 18 27.76 -24.13 -9.34
C LYS A 18 26.58 -23.16 -9.49
N LEU A 19 26.65 -21.99 -8.86
CA LEU A 19 25.56 -21.02 -9.00
C LEU A 19 25.40 -20.55 -10.46
N TYR A 20 26.45 -20.12 -11.11
CA TYR A 20 26.39 -19.73 -12.54
C TYR A 20 25.71 -20.81 -13.40
N LYS A 21 25.95 -22.04 -13.20
CA LYS A 21 25.33 -23.19 -13.82
C LYS A 21 23.82 -23.32 -13.53
N LEU A 22 23.36 -23.00 -12.31
CA LEU A 22 22.03 -23.04 -11.62
C LEU A 22 21.15 -22.05 -12.27
N GLU A 23 21.71 -20.92 -12.54
CA GLU A 23 21.14 -19.68 -13.12
C GLU A 23 21.10 -19.75 -14.65
N ASP A 24 21.76 -20.70 -15.16
CA ASP A 24 21.94 -20.89 -16.56
C ASP A 24 20.95 -21.95 -16.89
N LYS A 25 20.87 -22.90 -15.99
CA LYS A 25 19.79 -23.87 -16.12
C LYS A 25 18.44 -23.17 -16.03
N THR A 26 18.33 -22.17 -15.17
CA THR A 26 17.05 -21.49 -15.12
C THR A 26 16.84 -20.51 -16.28
N ARG A 27 17.88 -19.86 -16.82
CA ARG A 27 17.64 -19.05 -17.99
C ARG A 27 17.05 -19.91 -19.09
N ARG A 28 17.60 -21.11 -19.26
CA ARG A 28 17.08 -21.99 -20.29
C ARG A 28 15.64 -22.37 -20.02
N SER A 29 15.38 -22.74 -18.78
CA SER A 29 14.12 -23.35 -18.41
C SER A 29 12.98 -22.39 -18.58
N GLU A 30 13.17 -21.23 -18.02
CA GLU A 30 12.15 -20.23 -17.95
C GLU A 30 11.95 -19.56 -19.30
N GLU A 31 13.03 -19.51 -20.09
CA GLU A 31 12.90 -18.99 -21.43
C GLU A 31 12.08 -19.94 -22.31
N ILE A 32 12.51 -21.19 -22.46
CA ILE A 32 11.99 -22.05 -23.55
C ILE A 32 10.73 -22.88 -23.30
N SER A 33 9.97 -22.62 -22.22
CA SER A 33 8.60 -23.13 -22.04
C SER A 33 7.82 -22.03 -22.86
N LYS A 34 7.86 -22.17 -24.20
CA LYS A 34 7.67 -21.14 -25.27
C LYS A 34 6.47 -20.21 -25.03
N THR A 35 5.32 -20.63 -24.55
CA THR A 35 4.13 -19.79 -24.33
C THR A 35 3.65 -20.10 -22.88
N ASP A 36 3.24 -19.15 -22.04
CA ASP A 36 2.75 -19.38 -20.68
C ASP A 36 1.27 -19.07 -20.61
N ASP A 37 0.51 -19.96 -19.97
CA ASP A 37 -0.89 -19.73 -19.67
C ASP A 37 -1.20 -19.95 -18.18
N ASP A 38 -0.19 -20.01 -17.32
CA ASP A 38 -0.35 -20.39 -15.92
C ASP A 38 0.02 -19.28 -14.96
N PRO A 39 -0.81 -18.93 -13.99
CA PRO A 39 -0.43 -17.89 -13.03
C PRO A 39 0.56 -18.38 -11.98
N LYS A 40 0.20 -19.53 -11.44
CA LYS A 40 0.95 -20.14 -10.36
C LYS A 40 2.37 -20.46 -10.80
N ALA A 41 2.48 -20.98 -12.02
CA ALA A 41 3.74 -21.27 -12.63
C ALA A 41 4.56 -20.01 -12.78
N GLN A 42 3.88 -18.98 -13.25
CA GLN A 42 4.49 -17.70 -13.52
C GLN A 42 5.07 -17.12 -12.22
N SER A 43 4.29 -17.18 -11.15
CA SER A 43 4.79 -16.65 -9.90
C SER A 43 5.91 -17.50 -9.35
N LEU A 44 5.83 -18.81 -9.54
CA LEU A 44 6.89 -19.71 -9.09
C LEU A 44 8.16 -19.46 -9.84
N GLN A 45 8.03 -19.15 -11.11
CA GLN A 45 9.22 -18.83 -11.86
C GLN A 45 9.86 -17.60 -11.27
N LEU A 46 9.05 -16.62 -10.87
CA LEU A 46 9.65 -15.47 -10.20
C LEU A 46 10.24 -15.85 -8.85
N ILE A 47 9.62 -16.80 -8.18
CA ILE A 47 10.11 -17.20 -6.87
C ILE A 47 11.50 -17.83 -6.99
N ALA A 48 11.66 -18.70 -7.98
CA ALA A 48 12.95 -19.34 -8.15
C ALA A 48 13.99 -18.31 -8.53
N GLU A 49 13.57 -17.37 -9.38
CA GLU A 49 14.48 -16.33 -9.82
C GLU A 49 14.98 -15.50 -8.62
N SER A 50 14.07 -15.16 -7.71
CA SER A 50 14.44 -14.33 -6.57
C SER A 50 15.36 -15.09 -5.63
N LEU A 51 15.12 -16.37 -5.55
CA LEU A 51 15.84 -17.24 -4.66
C LEU A 51 17.29 -17.35 -5.05
N MET A 52 17.47 -17.48 -6.32
CA MET A 52 18.76 -17.58 -6.93
C MET A 52 19.54 -16.32 -6.75
N LEU A 53 18.83 -15.23 -6.70
CA LEU A 53 19.47 -13.97 -6.43
C LEU A 53 19.93 -13.83 -5.00
N ILE A 54 19.14 -14.31 -4.04
CA ILE A 54 19.70 -14.21 -2.70
C ILE A 54 20.78 -15.26 -2.58
N ALA A 55 20.72 -16.32 -3.36
CA ALA A 55 21.86 -17.22 -3.40
C ALA A 55 23.06 -16.45 -3.89
N GLU A 56 22.83 -15.62 -4.90
CA GLU A 56 23.85 -14.73 -5.42
C GLU A 56 24.41 -13.81 -4.34
N SER A 57 23.55 -13.13 -3.61
CA SER A 57 24.13 -12.20 -2.66
C SER A 57 24.69 -12.89 -1.45
N LEU A 58 24.08 -13.98 -0.98
CA LEU A 58 24.69 -14.65 0.16
C LEU A 58 26.04 -15.20 -0.23
N LEU A 59 26.20 -15.52 -1.50
CA LEU A 59 27.51 -15.92 -1.94
C LEU A 59 28.47 -14.75 -1.81
N ILE A 60 28.02 -13.57 -2.20
CA ILE A 60 28.94 -12.45 -2.10
C ILE A 60 29.25 -12.12 -0.63
N ILE A 61 28.28 -12.26 0.27
CA ILE A 61 28.57 -12.01 1.68
C ILE A 61 29.49 -13.09 2.21
N ALA A 62 29.32 -14.30 1.71
CA ALA A 62 30.24 -15.30 2.14
C ALA A 62 31.65 -14.92 1.71
N ILE A 63 31.84 -14.41 0.47
CA ILE A 63 33.22 -14.02 0.13
C ILE A 63 33.69 -12.92 1.07
N SER A 64 32.88 -11.89 1.28
CA SER A 64 33.44 -10.79 2.04
C SER A 64 33.72 -11.19 3.48
N LEU A 65 32.86 -12.01 4.07
CA LEU A 65 33.13 -12.33 5.47
C LEU A 65 34.36 -13.21 5.57
N LEU A 66 34.58 -14.04 4.56
CA LEU A 66 35.77 -14.86 4.64
C LEU A 66 37.02 -14.01 4.57
N LEU A 67 37.05 -13.05 3.68
CA LEU A 67 38.24 -12.23 3.63
C LEU A 67 38.27 -11.24 4.79
N SER A 68 37.14 -10.99 5.41
CA SER A 68 37.12 -10.00 6.46
C SER A 68 37.81 -10.53 7.70
N SER A 69 38.06 -11.83 7.73
CA SER A 69 38.87 -12.41 8.76
C SER A 69 40.29 -11.86 8.66
N THR B 1 36.13 -19.46 26.52
CA THR B 1 35.01 -19.81 25.61
C THR B 1 35.32 -20.98 24.71
N GLU B 2 36.57 -21.44 24.71
CA GLU B 2 36.94 -22.37 23.65
C GLU B 2 36.18 -23.68 23.74
N ASP B 3 35.68 -24.04 24.92
CA ASP B 3 34.90 -25.27 25.00
C ASP B 3 33.50 -25.02 24.45
N GLU B 4 32.97 -23.83 24.73
CA GLU B 4 31.71 -23.47 24.09
C GLU B 4 31.92 -23.34 22.58
N ILE B 5 33.05 -22.76 22.16
CA ILE B 5 33.27 -22.51 20.74
C ILE B 5 33.52 -23.79 19.94
N ARG B 6 34.26 -24.76 20.47
CA ARG B 6 34.45 -25.97 19.66
C ARG B 6 33.18 -26.82 19.63
N LYS B 7 32.33 -26.76 20.66
CA LYS B 7 31.08 -27.51 20.52
C LYS B 7 30.17 -26.83 19.50
N LEU B 8 30.35 -25.53 19.31
CA LEU B 8 29.72 -24.90 18.15
C LEU B 8 30.30 -25.42 16.83
N ARG B 9 31.61 -25.73 16.79
CA ARG B 9 32.13 -26.34 15.58
C ARG B 9 31.76 -27.81 15.48
N LYS B 10 31.44 -28.43 16.61
CA LYS B 10 30.87 -29.77 16.60
C LYS B 10 29.59 -29.78 15.79
N LEU B 11 28.73 -28.82 16.12
CA LEU B 11 27.46 -28.69 15.45
C LEU B 11 27.67 -28.42 13.98
N LEU B 12 28.67 -27.59 13.66
CA LEU B 12 28.94 -27.23 12.27
C LEU B 12 29.55 -28.38 11.46
N GLU B 13 30.32 -29.25 12.09
CA GLU B 13 30.77 -30.38 11.31
C GLU B 13 29.58 -31.32 11.05
N GLU B 14 28.61 -31.40 11.99
CA GLU B 14 27.39 -32.16 11.71
C GLU B 14 26.61 -31.53 10.57
N ALA B 15 26.70 -30.22 10.51
CA ALA B 15 26.04 -29.46 9.48
C ALA B 15 26.63 -29.68 8.09
N GLU B 16 27.97 -29.66 7.96
CA GLU B 16 28.58 -29.96 6.66
C GLU B 16 28.18 -31.34 6.21
N LYS B 17 28.19 -32.25 7.16
CA LYS B 17 27.96 -33.65 6.92
C LYS B 17 26.53 -33.85 6.43
N LYS B 18 25.58 -33.05 6.93
CA LYS B 18 24.23 -33.08 6.42
C LYS B 18 24.10 -32.39 5.05
N LEU B 19 24.83 -31.30 4.82
CA LEU B 19 24.66 -30.59 3.55
C LEU B 19 25.07 -31.49 2.40
N TYR B 20 26.24 -32.11 2.51
CA TYR B 20 26.66 -32.98 1.45
C TYR B 20 25.70 -34.14 1.32
N LYS B 21 25.10 -34.51 2.47
CA LYS B 21 24.15 -35.60 2.47
C LYS B 21 22.92 -35.23 1.62
N LEU B 22 22.48 -34.00 1.72
CA LEU B 22 21.34 -33.54 0.94
C LEU B 22 21.66 -33.15 -0.51
N GLU B 23 22.88 -32.70 -0.80
CA GLU B 23 23.23 -32.30 -2.15
C GLU B 23 23.34 -33.49 -3.07
N ASP B 24 23.77 -34.59 -2.50
CA ASP B 24 23.72 -35.81 -3.27
C ASP B 24 22.30 -36.24 -3.50
N LYS B 25 21.46 -36.09 -2.48
CA LYS B 25 20.05 -36.34 -2.82
C LYS B 25 19.58 -35.34 -3.87
N THR B 26 20.13 -34.11 -3.92
CA THR B 26 19.66 -33.24 -5.01
C THR B 26 20.18 -33.76 -6.33
N ARG B 27 21.46 -34.14 -6.38
CA ARG B 27 22.01 -34.60 -7.64
C ARG B 27 21.27 -35.84 -8.10
N ARG B 28 20.96 -36.70 -7.14
CA ARG B 28 20.26 -37.93 -7.47
C ARG B 28 18.89 -37.58 -8.04
N SER B 29 18.14 -36.72 -7.39
CA SER B 29 16.83 -36.39 -7.94
C SER B 29 16.91 -35.50 -9.18
N GLU B 30 17.99 -34.74 -9.32
CA GLU B 30 18.20 -33.82 -10.42
C GLU B 30 18.57 -34.55 -11.70
N GLU B 31 19.12 -35.74 -11.63
CA GLU B 31 19.11 -36.45 -12.90
C GLU B 31 17.84 -37.26 -13.08
N ILE B 32 17.13 -37.62 -12.00
CA ILE B 32 15.89 -38.34 -12.22
C ILE B 32 14.78 -37.30 -12.37
N SER B 33 15.15 -36.03 -12.39
CA SER B 33 14.14 -35.01 -12.62
C SER B 33 13.56 -35.22 -14.01
N LYS B 34 12.29 -35.61 -14.08
CA LYS B 34 11.67 -35.93 -15.36
C LYS B 34 11.30 -34.63 -16.06
N THR B 35 12.00 -34.29 -17.14
CA THR B 35 11.75 -33.02 -17.83
C THR B 35 10.58 -33.18 -18.80
N ASP B 36 9.38 -33.24 -18.22
CA ASP B 36 8.15 -33.35 -18.97
C ASP B 36 7.60 -31.93 -19.12
N ASP B 37 6.40 -31.79 -19.69
CA ASP B 37 5.86 -30.47 -20.06
C ASP B 37 5.66 -29.51 -18.86
N ASP B 38 5.13 -29.98 -17.73
CA ASP B 38 4.74 -29.02 -16.68
C ASP B 38 5.91 -28.26 -16.08
N PRO B 39 5.92 -26.93 -16.20
CA PRO B 39 7.02 -26.15 -15.63
C PRO B 39 7.00 -26.09 -14.12
N LYS B 40 5.86 -26.26 -13.49
CA LYS B 40 5.81 -26.11 -12.05
C LYS B 40 6.77 -27.06 -11.36
N ALA B 41 6.81 -28.29 -11.80
CA ALA B 41 7.76 -29.22 -11.21
C ALA B 41 9.17 -28.71 -11.42
N GLN B 42 9.44 -28.27 -12.64
CA GLN B 42 10.76 -27.79 -13.00
C GLN B 42 11.18 -26.64 -12.09
N SER B 43 10.29 -25.69 -11.89
CA SER B 43 10.64 -24.57 -11.02
C SER B 43 10.90 -25.02 -9.62
N LEU B 44 10.18 -26.05 -9.17
CA LEU B 44 10.37 -26.55 -7.82
C LEU B 44 11.76 -27.13 -7.65
N GLN B 45 12.21 -27.87 -8.63
CA GLN B 45 13.55 -28.41 -8.52
C GLN B 45 14.58 -27.28 -8.59
N LEU B 46 14.33 -26.27 -9.41
CA LEU B 46 15.26 -25.16 -9.46
C LEU B 46 15.21 -24.41 -8.15
N ILE B 47 14.03 -24.35 -7.55
CA ILE B 47 13.85 -23.67 -6.30
C ILE B 47 14.61 -24.39 -5.22
N ALA B 48 14.51 -25.70 -5.21
CA ALA B 48 15.16 -26.47 -4.19
C ALA B 48 16.66 -26.35 -4.33
N GLU B 49 17.15 -26.34 -5.57
CA GLU B 49 18.58 -26.20 -5.79
C GLU B 49 19.11 -24.86 -5.32
N SER B 50 18.39 -23.76 -5.57
CA SER B 50 18.92 -22.50 -5.07
C SER B 50 18.91 -22.53 -3.57
N LEU B 51 17.95 -23.22 -3.00
CA LEU B 51 17.90 -23.25 -1.56
C LEU B 51 19.09 -23.99 -0.99
N MET B 52 19.50 -25.03 -1.70
CA MET B 52 20.67 -25.75 -1.26
C MET B 52 21.94 -24.94 -1.41
N LEU B 53 22.04 -24.13 -2.45
CA LEU B 53 23.26 -23.36 -2.53
C LEU B 53 23.26 -22.22 -1.50
N ILE B 54 22.08 -21.67 -1.15
CA ILE B 54 22.07 -20.61 -0.13
C ILE B 54 22.40 -21.20 1.22
N ALA B 55 21.92 -22.41 1.46
CA ALA B 55 22.20 -23.07 2.72
C ALA B 55 23.68 -23.26 2.83
N GLU B 56 24.25 -23.63 1.71
CA GLU B 56 25.68 -23.75 1.58
C GLU B 56 26.38 -22.47 1.97
N SER B 57 25.93 -21.37 1.43
CA SER B 57 26.59 -20.13 1.74
C SER B 57 26.47 -19.83 3.21
N LEU B 58 25.28 -20.02 3.76
CA LEU B 58 25.07 -19.73 5.17
C LEU B 58 25.93 -20.61 6.02
N LEU B 59 26.18 -21.78 5.55
CA LEU B 59 27.02 -22.65 6.30
C LEU B 59 28.43 -22.11 6.32
N ILE B 60 28.94 -21.63 5.18
CA ILE B 60 30.29 -21.11 5.27
C ILE B 60 30.31 -19.81 6.05
N ILE B 61 29.27 -19.00 5.95
CA ILE B 61 29.31 -17.79 6.74
C ILE B 61 29.30 -18.16 8.20
N ALA B 62 28.61 -19.21 8.56
CA ALA B 62 28.61 -19.65 9.95
C ALA B 62 29.99 -20.11 10.35
N ILE B 63 30.65 -20.86 9.46
CA ILE B 63 32.02 -21.27 9.74
C ILE B 63 32.84 -20.02 10.02
N SER B 64 32.75 -19.06 9.13
CA SER B 64 33.66 -17.93 9.22
C SER B 64 33.40 -17.14 10.47
N LEU B 65 32.15 -16.99 10.79
CA LEU B 65 31.86 -16.10 11.88
C LEU B 65 32.30 -16.72 13.18
N LEU B 66 32.12 -18.03 13.33
CA LEU B 66 32.60 -18.54 14.59
C LEU B 66 34.11 -18.53 14.64
N LEU B 67 34.75 -18.79 13.52
CA LEU B 67 36.21 -18.83 13.55
C LEU B 67 36.84 -17.47 13.65
N SER B 68 36.13 -16.41 13.31
CA SER B 68 36.81 -15.14 13.40
C SER B 68 36.11 -14.29 14.45
N SER B 69 35.90 -14.88 15.62
CA SER B 69 35.35 -14.19 16.77
C SER B 69 36.49 -13.50 17.49
N THR C 1 20.49 -4.92 28.80
CA THR C 1 21.71 -5.72 28.51
C THR C 1 21.74 -7.09 29.16
N GLU C 2 22.20 -7.11 30.40
CA GLU C 2 22.63 -8.36 30.99
C GLU C 2 21.45 -9.32 31.13
N ASP C 3 20.27 -8.83 31.58
CA ASP C 3 19.09 -9.72 31.66
C ASP C 3 18.42 -10.00 30.30
N GLU C 4 18.22 -9.03 29.40
CA GLU C 4 17.73 -9.33 28.05
C GLU C 4 18.70 -10.21 27.32
N ILE C 5 20.02 -10.04 27.57
CA ILE C 5 20.95 -10.95 26.91
C ILE C 5 20.71 -12.33 27.44
N ARG C 6 20.28 -12.42 28.69
CA ARG C 6 19.84 -13.69 29.21
C ARG C 6 18.54 -14.12 28.56
N LYS C 7 17.67 -13.17 28.21
CA LYS C 7 16.41 -13.45 27.52
C LYS C 7 16.62 -13.83 26.08
N LEU C 8 17.64 -13.25 25.46
CA LEU C 8 18.08 -13.64 24.15
C LEU C 8 18.60 -15.05 24.18
N ARG C 9 19.28 -15.39 25.26
CA ARG C 9 19.84 -16.72 25.41
C ARG C 9 18.77 -17.76 25.72
N LYS C 10 17.70 -17.41 26.43
CA LYS C 10 16.64 -18.40 26.60
C LYS C 10 15.73 -18.39 25.37
N LEU C 11 15.74 -17.29 24.61
CA LEU C 11 15.14 -17.26 23.28
C LEU C 11 15.88 -18.21 22.36
N LEU C 12 17.21 -18.18 22.46
CA LEU C 12 18.09 -18.99 21.63
C LEU C 12 17.99 -20.46 22.03
N GLU C 13 17.87 -20.75 23.30
CA GLU C 13 17.73 -22.16 23.64
C GLU C 13 16.30 -22.65 23.33
N GLU C 14 15.30 -21.75 23.35
CA GLU C 14 13.95 -22.11 22.94
C GLU C 14 13.90 -22.40 21.44
N ALA C 15 14.75 -21.73 20.66
CA ALA C 15 14.89 -22.05 19.26
C ALA C 15 15.60 -23.39 19.07
N GLU C 16 16.62 -23.69 19.90
CA GLU C 16 17.23 -25.00 19.80
C GLU C 16 16.18 -26.07 19.93
N LYS C 17 15.34 -25.93 20.95
CA LYS C 17 14.34 -26.94 21.26
C LYS C 17 13.27 -26.95 20.15
N LYS C 18 12.94 -25.79 19.58
CA LYS C 18 12.06 -25.77 18.42
C LYS C 18 12.67 -26.52 17.22
N LEU C 19 13.99 -26.37 17.05
CA LEU C 19 14.76 -27.01 15.98
C LEU C 19 14.77 -28.51 16.07
N TYR C 20 14.99 -29.04 17.27
CA TYR C 20 14.96 -30.47 17.37
C TYR C 20 13.49 -30.96 17.09
N LYS C 21 12.47 -30.11 17.40
CA LYS C 21 11.06 -30.43 17.03
C LYS C 21 10.88 -30.56 15.51
N LEU C 22 11.58 -29.74 14.74
CA LEU C 22 11.52 -29.84 13.28
C LEU C 22 12.47 -30.86 12.67
N GLU C 23 13.62 -31.15 13.27
CA GLU C 23 14.57 -32.16 12.81
C GLU C 23 13.94 -33.53 12.84
N ASP C 24 13.13 -33.63 13.88
CA ASP C 24 12.35 -34.81 14.10
C ASP C 24 11.11 -34.87 13.21
N LYS C 25 10.41 -33.74 12.99
CA LYS C 25 9.30 -33.85 12.05
C LYS C 25 9.75 -33.99 10.57
N THR C 26 10.89 -33.46 10.10
CA THR C 26 11.24 -33.85 8.72
C THR C 26 11.60 -35.33 8.70
N ARG C 27 12.22 -35.88 9.74
CA ARG C 27 12.41 -37.33 9.65
C ARG C 27 11.07 -38.06 9.60
N ARG C 28 10.09 -37.62 10.38
CA ARG C 28 8.78 -38.26 10.34
C ARG C 28 8.12 -38.06 8.97
N SER C 29 8.41 -36.95 8.29
CA SER C 29 7.91 -36.79 6.94
C SER C 29 8.71 -37.64 5.96
N GLU C 30 9.99 -37.91 6.22
CA GLU C 30 10.70 -38.75 5.28
C GLU C 30 10.27 -40.20 5.44
N GLU C 31 9.86 -40.60 6.64
CA GLU C 31 9.35 -41.95 6.79
C GLU C 31 8.01 -42.09 6.11
N ILE C 32 7.32 -40.98 5.83
CA ILE C 32 6.04 -41.15 5.16
C ILE C 32 6.22 -41.13 3.63
N SER C 33 7.46 -41.08 3.14
CA SER C 33 7.79 -41.14 1.71
C SER C 33 8.10 -42.58 1.28
N LYS C 34 7.11 -43.30 0.77
CA LYS C 34 7.31 -44.74 0.39
C LYS C 34 7.30 -44.97 -0.99
N THR C 35 6.16 -44.92 -1.73
CA THR C 35 6.15 -45.32 -3.12
C THR C 35 6.86 -44.34 -4.02
N ASP C 36 7.51 -43.31 -3.47
CA ASP C 36 8.22 -42.27 -4.18
C ASP C 36 7.26 -41.19 -4.65
N ASP C 37 5.95 -41.41 -4.53
CA ASP C 37 4.97 -40.33 -4.63
C ASP C 37 5.07 -39.47 -5.91
N ASP C 38 4.93 -38.08 -5.79
CA ASP C 38 4.83 -37.14 -6.90
C ASP C 38 6.11 -36.30 -7.03
N PRO C 39 6.62 -36.08 -8.24
CA PRO C 39 7.95 -35.46 -8.32
C PRO C 39 8.02 -34.08 -7.71
N LYS C 40 6.99 -33.27 -7.91
CA LYS C 40 7.05 -31.95 -7.30
C LYS C 40 7.02 -32.09 -5.79
N ALA C 41 6.28 -33.08 -5.29
CA ALA C 41 6.23 -33.38 -3.88
C ALA C 41 7.58 -33.84 -3.36
N GLN C 42 8.25 -34.68 -4.14
CA GLN C 42 9.59 -35.10 -3.74
C GLN C 42 10.47 -33.87 -3.60
N SER C 43 10.35 -32.97 -4.56
CA SER C 43 11.13 -31.76 -4.50
C SER C 43 10.73 -30.96 -3.28
N LEU C 44 9.47 -31.03 -2.89
CA LEU C 44 9.04 -30.29 -1.72
C LEU C 44 9.69 -30.83 -0.47
N GLN C 45 9.78 -32.14 -0.38
CA GLN C 45 10.39 -32.72 0.79
C GLN C 45 11.84 -32.28 0.88
N LEU C 46 12.50 -32.26 -0.24
CA LEU C 46 13.88 -31.83 -0.23
C LEU C 46 14.00 -30.34 0.07
N ILE C 47 13.03 -29.54 -0.36
CA ILE C 47 13.04 -28.11 -0.07
C ILE C 47 12.99 -27.88 1.44
N ALA C 48 12.11 -28.62 2.08
CA ALA C 48 11.93 -28.45 3.51
C ALA C 48 13.18 -28.91 4.26
N GLU C 49 13.79 -30.02 3.80
CA GLU C 49 15.05 -30.43 4.40
C GLU C 49 16.10 -29.32 4.23
N SER C 50 16.07 -28.58 3.11
CA SER C 50 17.05 -27.50 2.94
C SER C 50 16.82 -26.35 3.91
N LEU C 51 15.57 -26.00 4.19
CA LEU C 51 15.38 -24.84 5.05
C LEU C 51 15.69 -25.19 6.50
N MET C 52 15.51 -26.46 6.88
CA MET C 52 15.93 -26.82 8.22
C MET C 52 17.42 -26.71 8.36
N LEU C 53 18.13 -27.01 7.29
CA LEU C 53 19.56 -26.77 7.37
C LEU C 53 19.86 -25.28 7.42
N ILE C 54 19.06 -24.46 6.75
CA ILE C 54 19.23 -23.02 6.82
C ILE C 54 18.95 -22.55 8.24
N ALA C 55 17.95 -23.13 8.86
CA ALA C 55 17.58 -22.78 10.21
C ALA C 55 18.70 -23.14 11.16
N GLU C 56 19.19 -24.34 11.04
CA GLU C 56 20.43 -24.79 11.69
C GLU C 56 21.56 -23.74 11.52
N SER C 57 21.84 -23.25 10.33
CA SER C 57 22.94 -22.31 10.20
C SER C 57 22.62 -20.98 10.85
N LEU C 58 21.40 -20.47 10.67
CA LEU C 58 21.08 -19.20 11.28
C LEU C 58 21.12 -19.33 12.79
N LEU C 59 20.82 -20.49 13.31
CA LEU C 59 20.87 -20.65 14.74
C LEU C 59 22.31 -20.62 15.23
N ILE C 60 23.23 -21.24 14.52
CA ILE C 60 24.61 -21.14 14.99
C ILE C 60 25.10 -19.71 14.84
N ILE C 61 24.68 -19.02 13.79
CA ILE C 61 25.13 -17.63 13.66
C ILE C 61 24.49 -16.80 14.74
N ALA C 62 23.26 -17.09 15.10
CA ALA C 62 22.69 -16.30 16.16
C ALA C 62 23.43 -16.58 17.46
N ILE C 63 23.71 -17.84 17.76
CA ILE C 63 24.45 -18.12 18.98
C ILE C 63 25.75 -17.34 18.94
N SER C 64 26.44 -17.42 17.81
CA SER C 64 27.78 -16.91 17.71
C SER C 64 27.81 -15.38 17.67
N LEU C 65 26.80 -14.76 17.10
CA LEU C 65 26.73 -13.31 17.14
C LEU C 65 26.41 -12.88 18.54
N LEU C 66 25.70 -13.73 19.27
CA LEU C 66 25.53 -13.41 20.67
C LEU C 66 26.85 -13.50 21.37
N LEU C 67 27.67 -14.49 21.03
CA LEU C 67 28.94 -14.59 21.69
C LEU C 67 29.90 -13.52 21.21
N SER C 68 29.68 -13.00 20.04
CA SER C 68 30.63 -12.05 19.52
C SER C 68 30.40 -10.65 20.06
N SER C 69 29.25 -10.40 20.64
CA SER C 69 28.94 -9.11 21.24
C SER C 69 28.87 -9.23 22.75
N THR D 1 21.84 8.83 18.45
CA THR D 1 22.83 8.07 19.26
C THR D 1 22.11 6.84 19.85
N GLU D 2 22.17 6.62 21.17
CA GLU D 2 21.57 5.41 21.74
C GLU D 2 20.04 5.45 21.67
N ASP D 3 19.46 6.63 21.54
CA ASP D 3 18.02 6.73 21.46
C ASP D 3 17.56 6.27 20.08
N GLU D 4 18.42 6.47 19.07
CA GLU D 4 18.14 5.95 17.74
C GLU D 4 18.05 4.43 17.78
N ILE D 5 18.94 3.80 18.52
CA ILE D 5 18.86 2.36 18.66
C ILE D 5 17.59 2.01 19.40
N ARG D 6 17.10 2.86 20.29
CA ARG D 6 15.89 2.43 20.99
C ARG D 6 14.68 2.49 20.06
N LYS D 7 14.68 3.41 19.09
CA LYS D 7 13.61 3.45 18.09
C LYS D 7 13.63 2.20 17.21
N LEU D 8 14.84 1.79 16.87
CA LEU D 8 15.07 0.58 16.09
C LEU D 8 14.66 -0.66 16.85
N ARG D 9 15.06 -0.72 18.11
CA ARG D 9 14.77 -1.85 18.96
C ARG D 9 13.28 -1.98 19.17
N LYS D 10 12.56 -0.86 19.20
CA LYS D 10 11.11 -0.95 19.27
C LYS D 10 10.55 -1.57 18.00
N LEU D 11 11.08 -1.18 16.84
CA LEU D 11 10.56 -1.85 15.64
C LEU D 11 10.80 -3.35 15.74
N LEU D 12 11.93 -3.73 16.35
CA LEU D 12 12.25 -5.14 16.60
C LEU D 12 11.30 -5.74 17.63
N GLU D 13 10.83 -4.94 18.55
CA GLU D 13 9.88 -5.44 19.52
C GLU D 13 8.54 -5.69 18.84
N GLU D 14 8.19 -4.86 17.88
CA GLU D 14 6.95 -5.08 17.13
C GLU D 14 7.09 -6.31 16.27
N ALA D 15 8.30 -6.52 15.79
CA ALA D 15 8.62 -7.71 15.03
C ALA D 15 8.51 -8.95 15.90
N GLU D 16 8.99 -8.83 17.12
CA GLU D 16 8.91 -9.90 18.10
C GLU D 16 7.45 -10.24 18.39
N LYS D 17 6.62 -9.19 18.48
CA LYS D 17 5.21 -9.37 18.80
C LYS D 17 4.51 -10.10 17.66
N LYS D 18 4.73 -9.65 16.43
CA LYS D 18 4.09 -10.33 15.30
C LYS D 18 4.63 -11.75 15.09
N LEU D 19 5.90 -11.99 15.40
CA LEU D 19 6.49 -13.32 15.31
C LEU D 19 5.75 -14.32 16.19
N TYR D 20 5.53 -13.94 17.44
CA TYR D 20 4.84 -14.88 18.30
C TYR D 20 3.41 -15.10 17.83
N LYS D 21 2.79 -14.09 17.17
CA LYS D 21 1.42 -14.14 16.59
C LYS D 21 1.28 -15.16 15.48
N LEU D 22 2.31 -15.17 14.64
CA LEU D 22 2.37 -16.12 13.56
C LEU D 22 2.65 -17.47 14.14
N GLU D 23 3.41 -17.50 15.23
CA GLU D 23 3.77 -18.75 15.91
C GLU D 23 2.56 -19.38 16.51
N ASP D 24 1.74 -18.53 17.04
CA ASP D 24 0.49 -18.93 17.62
C ASP D 24 -0.43 -19.40 16.52
N LYS D 25 -0.40 -18.74 15.39
CA LYS D 25 -1.19 -19.18 14.25
C LYS D 25 -0.74 -20.54 13.72
N THR D 26 0.55 -20.83 13.75
CA THR D 26 1.12 -22.04 13.18
C THR D 26 0.85 -23.24 14.06
N ARG D 27 0.93 -23.07 15.37
CA ARG D 27 0.49 -24.18 16.17
C ARG D 27 -1.01 -24.38 16.01
N ARG D 28 -1.75 -23.27 15.96
CA ARG D 28 -3.19 -23.39 15.86
C ARG D 28 -3.60 -24.10 14.57
N SER D 29 -2.99 -23.74 13.45
CA SER D 29 -3.39 -24.37 12.18
C SER D 29 -2.84 -25.79 12.06
N GLU D 30 -1.74 -26.09 12.75
CA GLU D 30 -1.25 -27.47 12.68
C GLU D 30 -2.18 -28.41 13.43
N GLU D 31 -2.86 -27.97 14.50
CA GLU D 31 -3.90 -28.84 15.06
C GLU D 31 -5.16 -28.84 14.17
N ILE D 32 -5.46 -27.75 13.44
CA ILE D 32 -6.66 -27.89 12.59
C ILE D 32 -6.24 -28.55 11.29
N SER D 33 -4.97 -28.94 11.18
CA SER D 33 -4.50 -29.56 9.94
C SER D 33 -5.18 -30.91 9.71
N LYS D 34 -5.13 -31.79 10.71
CA LYS D 34 -5.74 -33.11 10.69
C LYS D 34 -5.74 -33.80 9.31
N THR D 35 -4.58 -33.72 8.65
CA THR D 35 -4.33 -34.23 7.31
C THR D 35 -3.24 -35.29 7.34
N ASP D 36 -3.48 -36.38 6.61
CA ASP D 36 -2.45 -37.36 6.40
C ASP D 36 -2.61 -38.03 5.03
N ASP D 37 -3.19 -37.30 4.07
CA ASP D 37 -3.45 -37.81 2.72
C ASP D 37 -2.32 -37.46 1.76
N ASP D 38 -1.87 -36.20 1.77
CA ASP D 38 -0.90 -35.73 0.81
C ASP D 38 0.42 -35.40 1.46
N PRO D 39 1.52 -35.89 0.94
CA PRO D 39 2.81 -35.44 1.46
C PRO D 39 3.03 -33.98 1.13
N LYS D 40 2.40 -33.52 0.07
CA LYS D 40 2.64 -32.17 -0.36
C LYS D 40 2.29 -31.22 0.75
N ALA D 41 1.15 -31.48 1.36
CA ALA D 41 0.63 -30.72 2.49
C ALA D 41 1.48 -30.90 3.73
N GLN D 42 1.79 -32.13 4.09
CA GLN D 42 2.70 -32.36 5.23
C GLN D 42 4.00 -31.60 5.03
N SER D 43 4.58 -31.60 3.87
CA SER D 43 5.81 -30.88 3.68
C SER D 43 5.54 -29.38 3.69
N LEU D 44 4.35 -28.95 3.29
CA LEU D 44 4.05 -27.53 3.32
C LEU D 44 3.98 -27.01 4.75
N GLN D 45 3.34 -27.76 5.62
CA GLN D 45 3.31 -27.31 6.99
C GLN D 45 4.73 -27.28 7.53
N LEU D 46 5.57 -28.18 7.03
CA LEU D 46 6.98 -28.18 7.41
C LEU D 46 7.73 -26.96 6.89
N ILE D 47 7.46 -26.53 5.67
CA ILE D 47 8.16 -25.38 5.12
C ILE D 47 7.84 -24.18 5.96
N ALA D 48 6.57 -24.06 6.32
CA ALA D 48 6.17 -22.89 7.08
C ALA D 48 6.78 -22.92 8.48
N GLU D 49 6.82 -24.07 9.13
CA GLU D 49 7.49 -24.07 10.42
C GLU D 49 8.98 -23.78 10.28
N SER D 50 9.61 -24.26 9.22
CA SER D 50 11.01 -23.98 9.08
C SER D 50 11.23 -22.49 8.91
N LEU D 51 10.32 -21.85 8.19
CA LEU D 51 10.49 -20.44 7.89
C LEU D 51 10.31 -19.62 9.15
N MET D 52 9.43 -20.12 9.97
CA MET D 52 9.19 -19.49 11.24
C MET D 52 10.43 -19.54 12.11
N LEU D 53 11.15 -20.65 12.04
CA LEU D 53 12.34 -20.79 12.85
C LEU D 53 13.45 -19.86 12.35
N ILE D 54 13.52 -19.68 11.05
CA ILE D 54 14.55 -18.82 10.48
C ILE D 54 14.32 -17.37 10.82
N ALA D 55 13.07 -16.92 10.74
CA ALA D 55 12.75 -15.52 10.99
C ALA D 55 13.07 -15.20 12.40
N GLU D 56 12.70 -16.17 13.20
CA GLU D 56 12.98 -16.15 14.58
C GLU D 56 14.49 -15.95 14.81
N SER D 57 15.35 -16.71 14.12
CA SER D 57 16.80 -16.58 14.30
C SER D 57 17.30 -15.21 13.81
N LEU D 58 16.70 -14.72 12.73
CA LEU D 58 17.03 -13.43 12.17
C LEU D 58 16.75 -12.32 13.14
N LEU D 59 15.73 -12.52 13.94
CA LEU D 59 15.39 -11.55 14.93
C LEU D 59 16.47 -11.47 16.00
N ILE D 60 16.96 -12.63 16.46
CA ILE D 60 17.98 -12.61 17.48
C ILE D 60 19.21 -11.93 16.90
N ILE D 61 19.49 -12.20 15.63
CA ILE D 61 20.66 -11.59 15.04
C ILE D 61 20.49 -10.10 14.92
N ALA D 62 19.30 -9.65 14.57
CA ALA D 62 19.10 -8.22 14.42
C ALA D 62 19.21 -7.53 15.76
N ILE D 63 18.65 -8.13 16.80
CA ILE D 63 18.80 -7.50 18.10
C ILE D 63 20.29 -7.34 18.37
N SER D 64 21.03 -8.41 18.18
CA SER D 64 22.41 -8.34 18.58
C SER D 64 23.17 -7.37 17.72
N LEU D 65 22.82 -7.28 16.45
CA LEU D 65 23.56 -6.37 15.62
C LEU D 65 23.26 -4.94 15.98
N LEU D 66 22.03 -4.68 16.36
CA LEU D 66 21.75 -3.31 16.72
C LEU D 66 22.46 -2.95 18.02
N LEU D 67 22.49 -3.86 18.97
CA LEU D 67 23.17 -3.50 20.21
C LEU D 67 24.68 -3.53 20.08
N SER D 68 25.21 -4.27 19.13
CA SER D 68 26.64 -4.32 18.95
C SER D 68 27.15 -3.10 18.22
N SER D 69 26.25 -2.36 17.57
CA SER D 69 26.57 -1.09 16.97
C SER D 69 26.17 -0.03 17.97
N THR E 1 31.69 10.17 3.98
CA THR E 1 31.39 10.52 5.41
C THR E 1 29.88 10.54 5.64
N GLU E 2 29.33 11.67 6.07
CA GLU E 2 27.91 11.70 6.39
C GLU E 2 27.08 11.41 5.14
N ASP E 3 27.44 12.04 4.01
CA ASP E 3 26.69 11.87 2.76
C ASP E 3 27.01 10.58 1.97
N GLU E 4 28.18 9.93 2.11
CA GLU E 4 28.33 8.66 1.39
C GLU E 4 27.27 7.66 1.86
N ILE E 5 27.09 7.52 3.17
CA ILE E 5 25.96 6.72 3.69
C ILE E 5 24.61 7.39 3.48
N ARG E 6 24.53 8.69 3.11
CA ARG E 6 23.21 9.21 2.76
C ARG E 6 22.73 8.62 1.45
N LYS E 7 23.63 8.42 0.48
CA LYS E 7 23.15 7.98 -0.83
C LYS E 7 22.60 6.55 -0.76
N LEU E 8 23.16 5.75 0.18
CA LEU E 8 22.81 4.39 0.61
C LEU E 8 21.61 4.33 1.56
N ARG E 9 21.49 5.32 2.44
CA ARG E 9 20.32 5.49 3.30
C ARG E 9 19.13 5.80 2.46
N LYS E 10 19.39 6.55 1.42
CA LYS E 10 18.36 6.85 0.46
C LYS E 10 17.81 5.53 -0.07
N LEU E 11 18.68 4.61 -0.45
CA LEU E 11 18.15 3.32 -0.89
C LEU E 11 17.47 2.54 0.26
N LEU E 12 18.04 2.54 1.47
CA LEU E 12 17.36 1.74 2.50
C LEU E 12 16.00 2.33 2.92
N GLU E 13 15.79 3.63 2.80
CA GLU E 13 14.46 4.05 3.17
C GLU E 13 13.46 3.86 2.00
N GLU E 14 13.91 3.74 0.74
CA GLU E 14 12.92 3.27 -0.24
C GLU E 14 12.41 1.88 0.13
N ALA E 15 13.31 1.11 0.72
CA ALA E 15 13.00 -0.27 1.05
C ALA E 15 12.03 -0.42 2.21
N GLU E 16 12.22 0.39 3.24
CA GLU E 16 11.36 0.32 4.42
C GLU E 16 9.92 0.53 4.04
N LYS E 17 9.69 1.57 3.23
CA LYS E 17 8.40 2.05 2.78
C LYS E 17 7.74 1.04 1.85
N LYS E 18 8.54 0.46 0.98
CA LYS E 18 7.99 -0.56 0.13
C LYS E 18 7.64 -1.84 0.95
N LEU E 19 8.43 -2.15 1.97
CA LEU E 19 8.06 -3.20 2.92
C LEU E 19 6.78 -2.81 3.67
N TYR E 20 6.64 -1.55 4.05
CA TYR E 20 5.51 -0.89 4.73
C TYR E 20 4.21 -1.23 3.97
N LYS E 21 4.32 -1.34 2.64
CA LYS E 21 3.24 -1.57 1.70
C LYS E 21 2.96 -3.06 1.48
N LEU E 22 3.99 -3.87 1.50
CA LEU E 22 3.72 -5.28 1.28
C LEU E 22 3.07 -5.89 2.50
N GLU E 23 3.40 -5.40 3.68
CA GLU E 23 2.76 -5.92 4.88
C GLU E 23 1.33 -5.48 4.92
N ASP E 24 1.07 -4.30 4.37
CA ASP E 24 -0.32 -3.90 4.29
C ASP E 24 -1.09 -4.78 3.31
N LYS E 25 -0.49 -5.08 2.17
CA LYS E 25 -1.16 -5.92 1.20
C LYS E 25 -1.37 -7.34 1.74
N THR E 26 -0.37 -7.90 2.43
CA THR E 26 -0.59 -9.26 2.93
C THR E 26 -1.58 -9.26 4.08
N ARG E 27 -1.58 -8.27 4.95
CA ARG E 27 -2.57 -8.38 6.00
C ARG E 27 -3.99 -8.26 5.45
N ARG E 28 -4.27 -7.42 4.43
CA ARG E 28 -5.61 -7.52 3.85
C ARG E 28 -5.83 -8.94 3.36
N SER E 29 -4.85 -9.50 2.65
CA SER E 29 -5.09 -10.83 2.11
C SER E 29 -5.19 -11.88 3.20
N GLU E 30 -4.46 -11.70 4.28
CA GLU E 30 -4.48 -12.58 5.43
C GLU E 30 -5.80 -12.47 6.14
N GLU E 31 -6.38 -11.28 6.05
CA GLU E 31 -7.70 -11.05 6.60
C GLU E 31 -8.73 -11.77 5.77
N ILE E 32 -8.51 -11.88 4.46
CA ILE E 32 -9.49 -12.53 3.62
C ILE E 32 -9.11 -13.99 3.40
N SER E 33 -9.04 -14.73 4.49
CA SER E 33 -8.98 -16.20 4.42
C SER E 33 -10.40 -16.77 4.36
N LYS E 34 -11.15 -16.38 3.31
CA LYS E 34 -12.54 -16.77 3.12
C LYS E 34 -12.81 -18.22 3.52
N THR E 35 -13.78 -18.40 4.43
CA THR E 35 -14.18 -19.63 5.12
C THR E 35 -12.92 -20.35 5.62
N ASP E 36 -12.80 -21.67 5.47
CA ASP E 36 -11.62 -22.41 5.90
C ASP E 36 -10.97 -23.11 4.70
N ASP E 37 -11.72 -24.01 4.05
CA ASP E 37 -11.38 -24.80 2.86
C ASP E 37 -9.91 -25.40 2.84
N ASP E 38 -9.07 -25.21 1.79
CA ASP E 38 -7.78 -25.94 1.60
C ASP E 38 -6.68 -25.64 2.65
N PRO E 39 -5.95 -26.74 3.19
CA PRO E 39 -4.82 -26.49 4.14
C PRO E 39 -3.53 -26.04 3.48
N LYS E 40 -3.33 -26.49 2.26
CA LYS E 40 -2.13 -26.12 1.53
C LYS E 40 -2.09 -24.60 1.40
N ALA E 41 -3.23 -24.02 1.08
CA ALA E 41 -3.31 -22.58 0.99
C ALA E 41 -3.03 -21.97 2.34
N GLN E 42 -3.53 -22.61 3.39
CA GLN E 42 -3.33 -22.11 4.73
C GLN E 42 -1.84 -22.00 5.03
N SER E 43 -1.10 -23.05 4.70
CA SER E 43 0.33 -23.01 4.95
C SER E 43 1.00 -21.97 4.11
N LEU E 44 0.52 -21.74 2.90
CA LEU E 44 1.11 -20.74 2.02
C LEU E 44 0.96 -19.36 2.62
N GLN E 45 -0.18 -19.14 3.23
CA GLN E 45 -0.44 -17.88 3.88
C GLN E 45 0.53 -17.68 5.02
N LEU E 46 0.77 -18.75 5.75
CA LEU E 46 1.69 -18.70 6.88
C LEU E 46 3.12 -18.52 6.37
N ILE E 47 3.40 -19.15 5.25
CA ILE E 47 4.71 -19.07 4.64
C ILE E 47 5.00 -17.63 4.26
N ALA E 48 3.99 -17.00 3.70
CA ALA E 48 4.12 -15.63 3.24
C ALA E 48 4.34 -14.70 4.42
N GLU E 49 3.61 -14.91 5.50
CA GLU E 49 3.82 -14.07 6.66
C GLU E 49 5.22 -14.24 7.25
N SER E 50 5.74 -15.48 7.29
CA SER E 50 7.06 -15.66 7.85
C SER E 50 8.09 -14.96 7.00
N LEU E 51 7.85 -14.91 5.69
CA LEU E 51 8.84 -14.31 4.80
C LEU E 51 8.87 -12.80 4.95
N MET E 52 7.73 -12.17 5.18
CA MET E 52 7.86 -10.75 5.45
C MET E 52 8.47 -10.52 6.81
N LEU E 53 8.29 -11.44 7.72
CA LEU E 53 8.95 -11.27 8.99
C LEU E 53 10.47 -11.38 8.81
N ILE E 54 10.88 -12.25 7.91
CA ILE E 54 12.27 -12.39 7.54
C ILE E 54 12.75 -11.12 6.88
N ALA E 55 11.88 -10.54 6.07
CA ALA E 55 12.21 -9.34 5.34
C ALA E 55 12.40 -8.18 6.27
N GLU E 56 11.53 -8.09 7.26
CA GLU E 56 11.65 -7.11 8.30
C GLU E 56 12.98 -7.27 9.00
N SER E 57 13.29 -8.47 9.37
CA SER E 57 14.50 -8.62 10.14
C SER E 57 15.73 -8.25 9.32
N LEU E 58 15.83 -8.75 8.09
CA LEU E 58 17.02 -8.37 7.32
C LEU E 58 16.99 -6.89 6.99
N LEU E 59 15.82 -6.28 6.95
CA LEU E 59 15.81 -4.85 6.77
C LEU E 59 16.48 -4.17 7.94
N ILE E 60 16.20 -4.49 9.13
CA ILE E 60 16.77 -3.87 10.31
C ILE E 60 18.24 -4.30 10.46
N ILE E 61 18.56 -5.51 10.07
CA ILE E 61 19.97 -5.83 10.10
C ILE E 61 20.69 -4.99 9.08
N ALA E 62 20.05 -4.73 7.96
CA ALA E 62 20.69 -3.92 6.95
C ALA E 62 20.89 -2.52 7.47
N ILE E 63 19.90 -2.00 8.18
CA ILE E 63 20.06 -0.68 8.79
C ILE E 63 21.25 -0.68 9.74
N SER E 64 21.32 -1.65 10.64
CA SER E 64 22.36 -1.59 11.64
C SER E 64 23.71 -1.82 11.01
N LEU E 65 23.72 -2.64 9.97
CA LEU E 65 24.99 -2.92 9.33
C LEU E 65 25.46 -1.67 8.63
N LEU E 66 24.53 -0.89 8.13
CA LEU E 66 24.85 0.39 7.53
C LEU E 66 25.27 1.40 8.59
N LEU E 67 24.73 1.27 9.79
CA LEU E 67 25.16 2.12 10.90
C LEU E 67 26.50 1.71 11.44
N SER E 68 26.91 0.48 11.18
CA SER E 68 28.20 0.05 11.66
C SER E 68 29.33 0.60 10.82
N SER E 69 29.02 1.04 9.61
CA SER E 69 29.98 1.67 8.71
C SER E 69 29.77 3.18 8.61
N THR F 1 43.92 -7.45 -3.57
CA THR F 1 43.08 -6.85 -2.53
C THR F 1 42.51 -5.64 -3.19
N GLU F 2 43.30 -5.00 -4.03
CA GLU F 2 42.75 -3.91 -4.83
C GLU F 2 41.88 -4.47 -5.97
N ASP F 3 42.39 -5.48 -6.66
CA ASP F 3 41.58 -6.07 -7.71
C ASP F 3 40.49 -6.96 -7.13
N GLU F 4 40.70 -7.45 -5.91
CA GLU F 4 39.72 -8.34 -5.32
C GLU F 4 38.39 -7.63 -5.03
N ILE F 5 38.40 -6.46 -4.38
CA ILE F 5 37.10 -5.83 -4.16
C ILE F 5 36.54 -5.26 -5.47
N ARG F 6 37.37 -5.03 -6.50
CA ARG F 6 36.78 -4.61 -7.78
C ARG F 6 35.93 -5.73 -8.38
N LYS F 7 36.42 -6.97 -8.27
CA LYS F 7 35.68 -8.12 -8.78
C LYS F 7 34.49 -8.41 -7.89
N LEU F 8 34.65 -8.16 -6.60
CA LEU F 8 33.49 -8.20 -5.76
C LEU F 8 32.50 -7.10 -6.17
N LYS F 9 33.00 -5.90 -6.45
CA LYS F 9 32.11 -4.83 -6.91
C LYS F 9 31.44 -5.21 -8.21
N LYS F 10 32.18 -5.90 -9.07
CA LYS F 10 31.67 -6.40 -10.34
C LYS F 10 30.46 -7.28 -10.11
N LEU F 11 30.64 -8.21 -9.19
CA LEU F 11 29.59 -9.14 -8.84
C LEU F 11 28.40 -8.41 -8.24
N LEU F 12 28.71 -7.46 -7.37
CA LEU F 12 27.70 -6.73 -6.62
C LEU F 12 26.89 -5.82 -7.54
N GLU F 13 27.55 -5.21 -8.52
CA GLU F 13 26.89 -4.34 -9.49
C GLU F 13 26.09 -5.14 -10.52
N GLU F 14 26.56 -6.34 -10.87
CA GLU F 14 25.82 -7.20 -11.78
C GLU F 14 24.57 -7.75 -11.12
N ALA F 15 24.69 -7.96 -9.82
CA ALA F 15 23.57 -8.41 -9.02
C ALA F 15 22.51 -7.33 -8.92
N GLU F 16 22.94 -6.10 -8.67
CA GLU F 16 22.01 -4.98 -8.66
C GLU F 16 21.26 -4.92 -9.97
N LYS F 17 21.99 -5.16 -11.06
CA LYS F 17 21.39 -4.98 -12.37
C LYS F 17 20.28 -6.04 -12.57
N LYS F 18 20.46 -7.26 -12.06
CA LYS F 18 19.34 -8.20 -12.14
C LYS F 18 18.22 -8.00 -11.10
N LEU F 19 18.51 -7.55 -9.87
CA LEU F 19 17.42 -7.35 -8.90
C LEU F 19 16.39 -6.43 -9.50
N TYR F 20 16.90 -5.39 -10.11
CA TYR F 20 16.08 -4.34 -10.67
C TYR F 20 15.30 -4.86 -11.86
N LYS F 21 15.94 -5.82 -12.57
CA LYS F 21 15.35 -6.55 -13.69
C LYS F 21 14.15 -7.37 -13.24
N LEU F 22 14.31 -8.06 -12.15
CA LEU F 22 13.21 -8.87 -11.67
C LEU F 22 12.19 -8.04 -10.92
N GLU F 23 12.58 -6.89 -10.42
CA GLU F 23 11.60 -6.04 -9.81
C GLU F 23 10.65 -5.49 -10.87
N ASP F 24 11.18 -5.20 -12.06
CA ASP F 24 10.32 -4.79 -13.16
C ASP F 24 9.42 -5.97 -13.60
N LYS F 25 10.03 -7.16 -13.65
CA LYS F 25 9.31 -8.35 -14.07
C LYS F 25 8.22 -8.74 -13.06
N THR F 26 8.55 -8.64 -11.76
CA THR F 26 7.57 -8.93 -10.71
C THR F 26 6.49 -7.84 -10.75
N ARG F 27 6.87 -6.59 -11.00
CA ARG F 27 5.90 -5.51 -10.98
C ARG F 27 4.80 -5.72 -12.02
N ARG F 28 5.22 -6.01 -13.23
CA ARG F 28 4.22 -6.09 -14.25
C ARG F 28 3.56 -7.46 -14.21
N SER F 29 4.30 -8.53 -13.86
CA SER F 29 3.69 -9.85 -13.81
C SER F 29 2.69 -9.92 -12.67
N GLU F 30 3.08 -9.32 -11.53
CA GLU F 30 2.34 -9.41 -10.28
C GLU F 30 0.99 -8.72 -10.41
N GLU F 31 0.90 -7.57 -11.12
CA GLU F 31 -0.45 -7.06 -11.33
C GLU F 31 -1.03 -7.38 -12.73
N ILE F 32 -0.30 -8.08 -13.61
CA ILE F 32 -0.96 -8.55 -14.82
C ILE F 32 -1.62 -9.89 -14.55
N SER F 33 -1.44 -10.46 -13.36
CA SER F 33 -2.17 -11.66 -12.99
C SER F 33 -3.17 -11.30 -11.89
N LYS F 34 -4.44 -11.49 -12.21
CA LYS F 34 -5.50 -11.15 -11.29
C LYS F 34 -6.65 -12.09 -11.57
N THR F 35 -6.33 -13.36 -11.48
CA THR F 35 -7.33 -14.39 -11.65
C THR F 35 -8.26 -14.42 -10.44
N ASP F 36 -7.69 -14.24 -9.24
CA ASP F 36 -8.41 -13.97 -7.97
C ASP F 36 -9.36 -15.07 -7.49
N ASP F 37 -8.96 -16.34 -7.63
CA ASP F 37 -9.84 -17.45 -7.26
C ASP F 37 -9.41 -18.25 -6.02
N ASP F 38 -8.11 -18.35 -5.74
CA ASP F 38 -7.66 -19.21 -4.68
C ASP F 38 -6.48 -18.56 -3.98
N PRO F 39 -6.48 -18.53 -2.66
CA PRO F 39 -5.37 -17.90 -1.94
C PRO F 39 -4.06 -18.55 -2.26
N LYS F 40 -4.09 -19.66 -2.98
CA LYS F 40 -2.86 -20.31 -3.36
C LYS F 40 -2.04 -19.40 -4.27
N ALA F 41 -2.63 -19.06 -5.40
CA ALA F 41 -1.95 -18.21 -6.36
C ALA F 41 -1.70 -16.83 -5.76
N GLN F 42 -2.69 -16.26 -5.10
CA GLN F 42 -2.43 -14.96 -4.48
C GLN F 42 -1.32 -15.06 -3.42
N SER F 43 -1.30 -16.12 -2.63
CA SER F 43 -0.26 -16.19 -1.62
C SER F 43 1.13 -16.29 -2.27
N LEU F 44 1.17 -16.84 -3.49
CA LEU F 44 2.40 -16.90 -4.28
C LEU F 44 2.86 -15.52 -4.75
N GLN F 45 1.92 -14.67 -5.16
CA GLN F 45 2.29 -13.33 -5.60
C GLN F 45 2.97 -12.61 -4.44
N LEU F 46 2.44 -12.89 -3.28
CA LEU F 46 2.87 -12.34 -2.01
C LEU F 46 4.24 -12.84 -1.57
N ILE F 47 4.48 -14.13 -1.72
CA ILE F 47 5.74 -14.75 -1.31
C ILE F 47 6.86 -14.19 -2.13
N ALA F 48 6.58 -14.02 -3.42
CA ALA F 48 7.53 -13.57 -4.43
C ALA F 48 7.96 -12.14 -4.20
N GLU F 49 6.99 -11.31 -3.83
CA GLU F 49 7.24 -9.94 -3.42
C GLU F 49 8.05 -9.91 -2.14
N SER F 50 7.77 -10.84 -1.24
CA SER F 50 8.52 -10.90 0.00
C SER F 50 9.97 -11.28 -0.30
N LEU F 51 10.13 -12.19 -1.25
CA LEU F 51 11.44 -12.68 -1.67
C LEU F 51 12.20 -11.62 -2.42
N MET F 52 11.48 -10.83 -3.18
CA MET F 52 12.08 -9.72 -3.88
C MET F 52 12.60 -8.72 -2.87
N LEU F 53 11.88 -8.57 -1.76
CA LEU F 53 12.33 -7.62 -0.76
C LEU F 53 13.56 -8.13 -0.04
N ILE F 54 13.61 -9.43 0.28
CA ILE F 54 14.83 -9.88 0.93
C ILE F 54 15.99 -9.84 -0.06
N ALA F 55 15.76 -10.08 -1.33
CA ALA F 55 16.90 -9.97 -2.21
C ALA F 55 17.42 -8.54 -2.21
N GLU F 56 16.51 -7.56 -2.22
CA GLU F 56 16.94 -6.18 -2.11
C GLU F 56 17.79 -5.96 -0.87
N SER F 57 17.29 -6.40 0.27
CA SER F 57 18.00 -6.15 1.51
C SER F 57 19.31 -6.88 1.58
N LEU F 58 19.34 -8.10 1.11
CA LEU F 58 20.59 -8.85 1.15
C LEU F 58 21.61 -8.23 0.24
N LEU F 59 21.15 -7.69 -0.87
CA LEU F 59 22.06 -6.97 -1.72
C LEU F 59 22.60 -5.77 -0.99
N ILE F 60 21.74 -5.07 -0.25
CA ILE F 60 22.26 -3.91 0.47
C ILE F 60 23.23 -4.36 1.55
N ILE F 61 22.99 -5.50 2.17
CA ILE F 61 23.96 -5.94 3.16
C ILE F 61 25.28 -6.27 2.49
N ALA F 62 25.24 -6.84 1.30
CA ALA F 62 26.51 -7.09 0.67
C ALA F 62 27.20 -5.79 0.31
N ILE F 63 26.47 -4.83 -0.21
CA ILE F 63 27.08 -3.55 -0.53
C ILE F 63 27.74 -2.99 0.71
N SER F 64 27.03 -3.02 1.82
CA SER F 64 27.49 -2.34 3.02
C SER F 64 28.59 -3.12 3.73
N LEU F 65 28.56 -4.43 3.65
CA LEU F 65 29.65 -5.19 4.23
C LEU F 65 30.89 -4.95 3.42
N LEU F 66 30.73 -4.76 2.14
CA LEU F 66 31.89 -4.47 1.37
C LEU F 66 32.39 -3.08 1.71
N LEU F 67 31.47 -2.19 2.05
CA LEU F 67 31.86 -0.86 2.45
C LEU F 67 32.53 -0.87 3.81
N SER F 68 32.20 -1.87 4.61
CA SER F 68 32.74 -1.99 5.94
C SER F 68 34.12 -2.62 5.97
N SER F 69 34.56 -3.22 4.90
CA SER F 69 35.86 -3.84 4.86
C SER F 69 36.63 -3.36 3.66
N THR G 1 15.35 14.04 3.22
CA THR G 1 13.91 14.15 2.86
C THR G 1 13.77 14.62 1.39
N GLU G 2 14.93 14.85 0.77
CA GLU G 2 15.07 15.41 -0.58
C GLU G 2 14.44 14.54 -1.65
N ASP G 3 15.08 13.42 -1.86
CA ASP G 3 14.63 12.57 -2.95
C ASP G 3 13.50 11.61 -2.56
N GLU G 4 13.13 11.50 -1.26
CA GLU G 4 11.88 10.82 -0.92
C GLU G 4 10.71 11.63 -1.44
N ILE G 5 10.77 12.95 -1.31
CA ILE G 5 9.75 13.74 -1.94
C ILE G 5 9.97 13.77 -3.45
N ARG G 6 11.18 13.49 -3.97
CA ARG G 6 11.22 13.30 -5.43
C ARG G 6 10.33 12.13 -5.85
N LYS G 7 10.35 11.03 -5.10
CA LYS G 7 9.48 9.93 -5.53
C LYS G 7 8.02 10.27 -5.32
N LEU G 8 7.74 10.98 -4.24
CA LEU G 8 6.38 11.35 -3.96
C LEU G 8 5.83 12.28 -5.05
N ARG G 9 6.68 13.20 -5.54
CA ARG G 9 6.36 14.00 -6.73
C ARG G 9 6.30 13.15 -7.97
N LYS G 10 7.06 12.08 -7.99
CA LYS G 10 7.09 11.26 -9.17
C LYS G 10 5.69 10.68 -9.41
N LEU G 11 5.13 10.05 -8.39
CA LEU G 11 3.76 9.60 -8.57
C LEU G 11 2.79 10.77 -8.61
N LEU G 12 3.15 11.94 -8.07
CA LEU G 12 2.21 13.04 -8.25
C LEU G 12 2.16 13.39 -9.74
N GLU G 13 3.28 13.32 -10.41
CA GLU G 13 3.28 13.56 -11.84
C GLU G 13 2.53 12.47 -12.58
N GLU G 14 2.58 11.21 -12.14
CA GLU G 14 1.73 10.29 -12.90
C GLU G 14 0.25 10.43 -12.58
N ALA G 15 -0.09 10.95 -11.42
CA ALA G 15 -1.48 11.32 -11.25
C ALA G 15 -1.82 12.47 -12.21
N GLU G 16 -0.87 13.39 -12.44
CA GLU G 16 -1.04 14.41 -13.48
C GLU G 16 -1.38 13.75 -14.79
N LYS G 17 -0.66 12.67 -15.05
CA LYS G 17 -0.78 11.97 -16.31
C LYS G 17 -2.16 11.40 -16.47
N LYS G 18 -2.61 10.64 -15.49
CA LYS G 18 -3.92 10.04 -15.67
C LYS G 18 -5.02 11.09 -15.64
N LEU G 19 -4.84 12.21 -14.92
CA LEU G 19 -5.84 13.28 -15.00
C LEU G 19 -5.95 13.75 -16.43
N TYR G 20 -4.83 14.07 -17.06
CA TYR G 20 -4.96 14.65 -18.37
C TYR G 20 -5.54 13.63 -19.36
N LYS G 21 -5.19 12.34 -19.22
CA LYS G 21 -5.74 11.33 -20.13
C LYS G 21 -7.24 11.12 -19.90
N LEU G 22 -7.67 11.14 -18.65
CA LEU G 22 -9.10 10.98 -18.40
C LEU G 22 -9.87 12.21 -18.87
N GLU G 23 -9.26 13.39 -18.84
CA GLU G 23 -9.97 14.58 -19.29
C GLU G 23 -10.16 14.64 -20.79
N ASP G 24 -9.17 14.29 -21.63
CA ASP G 24 -9.57 14.25 -23.05
C ASP G 24 -10.39 12.98 -23.34
N LYS G 25 -10.37 11.94 -22.49
CA LYS G 25 -11.32 10.86 -22.72
C LYS G 25 -12.73 11.42 -22.62
N THR G 26 -12.98 12.21 -21.58
CA THR G 26 -14.28 12.80 -21.35
C THR G 26 -14.60 13.84 -22.41
N ARG G 27 -13.57 14.56 -22.83
CA ARG G 27 -13.73 15.58 -23.84
C ARG G 27 -14.32 14.97 -25.10
N ARG G 28 -13.63 13.95 -25.58
CA ARG G 28 -14.08 13.28 -26.77
C ARG G 28 -15.36 12.51 -26.51
N SER G 29 -15.57 12.08 -25.27
CA SER G 29 -16.71 11.22 -24.98
C SER G 29 -18.01 11.99 -25.09
N GLU G 30 -18.03 13.25 -24.67
CA GLU G 30 -19.28 13.96 -24.84
C GLU G 30 -19.36 14.70 -26.16
N GLU G 31 -18.23 15.12 -26.71
CA GLU G 31 -18.30 15.70 -28.04
C GLU G 31 -19.08 14.79 -28.97
N ILE G 32 -19.08 13.49 -28.72
CA ILE G 32 -19.70 12.53 -29.62
C ILE G 32 -21.05 12.01 -29.08
N SER G 33 -21.62 12.67 -28.09
CA SER G 33 -22.98 12.34 -27.69
C SER G 33 -23.95 13.08 -28.60
N LYS G 34 -24.79 12.33 -29.31
CA LYS G 34 -25.34 12.81 -30.57
C LYS G 34 -26.77 13.30 -30.52
N THR G 35 -27.68 12.62 -29.82
CA THR G 35 -29.06 12.72 -30.26
C THR G 35 -30.02 13.41 -29.30
N ASP G 36 -30.47 12.72 -28.26
CA ASP G 36 -31.70 13.10 -27.56
C ASP G 36 -31.43 14.09 -26.44
N ASP G 37 -32.51 14.44 -25.71
CA ASP G 37 -32.51 15.46 -24.64
C ASP G 37 -32.99 14.95 -23.28
N ASP G 38 -32.08 14.50 -22.39
CA ASP G 38 -32.36 14.25 -20.99
C ASP G 38 -31.63 15.25 -20.12
N PRO G 39 -32.31 15.95 -19.23
CA PRO G 39 -31.61 16.95 -18.41
C PRO G 39 -30.52 16.38 -17.55
N LYS G 40 -30.88 15.34 -16.85
CA LYS G 40 -30.02 14.76 -15.85
C LYS G 40 -28.71 14.36 -16.46
N ALA G 41 -28.80 13.84 -17.66
CA ALA G 41 -27.66 13.34 -18.38
C ALA G 41 -26.68 14.42 -18.73
N GLN G 42 -27.18 15.45 -19.38
CA GLN G 42 -26.37 16.56 -19.81
C GLN G 42 -25.78 17.30 -18.62
N SER G 43 -26.60 17.47 -17.60
CA SER G 43 -26.13 18.11 -16.39
C SER G 43 -25.07 17.26 -15.73
N LEU G 44 -25.21 15.96 -15.82
CA LEU G 44 -24.17 15.17 -15.21
C LEU G 44 -22.89 15.27 -16.01
N GLN G 45 -22.95 15.45 -17.32
CA GLN G 45 -21.68 15.74 -17.95
C GLN G 45 -21.13 17.06 -17.45
N LEU G 46 -21.98 18.04 -17.18
CA LEU G 46 -21.45 19.27 -16.60
C LEU G 46 -20.81 19.00 -15.26
N ILE G 47 -21.45 18.17 -14.47
CA ILE G 47 -20.97 17.87 -13.15
C ILE G 47 -19.63 17.20 -13.27
N ALA G 48 -19.54 16.34 -14.25
CA ALA G 48 -18.37 15.53 -14.43
C ALA G 48 -17.19 16.39 -14.89
N GLU G 49 -17.43 17.28 -15.83
CA GLU G 49 -16.37 18.20 -16.22
C GLU G 49 -15.97 19.04 -15.02
N SER G 50 -16.94 19.39 -14.18
CA SER G 50 -16.65 20.21 -13.02
C SER G 50 -15.74 19.51 -12.05
N LEU G 51 -16.02 18.26 -11.78
CA LEU G 51 -15.20 17.65 -10.76
C LEU G 51 -13.85 17.24 -11.32
N MET G 52 -13.79 16.96 -12.61
CA MET G 52 -12.47 16.73 -13.17
C MET G 52 -11.64 18.00 -12.99
N LEU G 53 -12.29 19.13 -13.11
CA LEU G 53 -11.60 20.40 -12.94
C LEU G 53 -11.12 20.58 -11.52
N ILE G 54 -11.96 20.25 -10.55
CA ILE G 54 -11.49 20.54 -9.21
C ILE G 54 -10.31 19.66 -8.93
N ALA G 55 -10.31 18.46 -9.49
CA ALA G 55 -9.23 17.55 -9.21
C ALA G 55 -7.91 18.09 -9.70
N GLU G 56 -7.91 18.68 -10.89
CA GLU G 56 -6.70 19.30 -11.37
C GLU G 56 -6.27 20.39 -10.42
N SER G 57 -7.25 21.13 -9.93
CA SER G 57 -6.98 22.26 -9.07
C SER G 57 -6.34 21.79 -7.77
N LEU G 58 -6.86 20.70 -7.22
CA LEU G 58 -6.27 20.16 -6.00
C LEU G 58 -4.92 19.51 -6.26
N LEU G 59 -4.66 19.00 -7.46
CA LEU G 59 -3.28 18.58 -7.70
C LEU G 59 -2.37 19.79 -7.78
N ILE G 60 -2.80 20.93 -8.33
CA ILE G 60 -1.86 22.04 -8.26
C ILE G 60 -1.64 22.39 -6.79
N ILE G 61 -2.69 22.29 -5.99
CA ILE G 61 -2.46 22.62 -4.61
C ILE G 61 -1.51 21.62 -4.00
N ALA G 62 -1.63 20.37 -4.39
CA ALA G 62 -0.76 19.38 -3.79
C ALA G 62 0.68 19.61 -4.16
N ILE G 63 1.01 19.86 -5.44
CA ILE G 63 2.41 20.12 -5.70
C ILE G 63 2.81 21.43 -5.04
N SER G 64 1.95 22.44 -5.10
CA SER G 64 2.38 23.72 -4.59
C SER G 64 2.68 23.54 -3.12
N LEU G 65 1.84 22.79 -2.45
CA LEU G 65 1.95 22.53 -1.04
C LEU G 65 3.12 21.61 -0.75
N LEU G 66 3.37 20.67 -1.65
CA LEU G 66 4.44 19.72 -1.44
C LEU G 66 5.82 20.33 -1.64
N LEU G 67 5.99 21.24 -2.58
CA LEU G 67 7.27 21.93 -2.61
C LEU G 67 7.28 23.13 -1.68
N SER G 68 6.15 23.45 -1.07
CA SER G 68 6.09 24.63 -0.23
C SER G 68 6.76 24.43 1.11
N SER G 69 7.06 23.19 1.47
CA SER G 69 7.74 22.95 2.73
C SER G 69 8.43 21.62 2.73
N THR H 1 7.30 16.20 19.41
CA THR H 1 5.98 15.75 19.11
C THR H 1 5.96 14.53 18.16
N GLU H 2 7.12 13.87 18.08
CA GLU H 2 7.35 12.71 17.23
C GLU H 2 6.20 11.67 17.19
N ASP H 3 5.69 11.25 18.36
CA ASP H 3 4.81 10.07 18.41
C ASP H 3 3.43 10.33 17.81
N GLU H 4 2.77 11.44 18.15
CA GLU H 4 1.48 11.62 17.49
C GLU H 4 1.65 11.87 15.99
N ILE H 5 2.76 12.43 15.52
CA ILE H 5 2.88 12.58 14.06
C ILE H 5 3.05 11.22 13.36
N ARG H 6 3.86 10.31 13.89
CA ARG H 6 3.81 9.10 13.08
C ARG H 6 2.54 8.28 13.37
N LYS H 7 1.81 8.58 14.45
CA LYS H 7 0.47 8.00 14.61
C LYS H 7 -0.45 8.54 13.50
N LEU H 8 -0.23 9.78 13.13
CA LEU H 8 -0.94 10.36 12.00
C LEU H 8 -0.60 9.62 10.71
N ARG H 9 0.69 9.44 10.37
CA ARG H 9 0.98 8.75 9.11
C ARG H 9 0.53 7.31 9.16
N LYS H 10 0.49 6.73 10.35
CA LYS H 10 -0.02 5.37 10.50
C LYS H 10 -1.40 5.29 9.87
N LEU H 11 -2.27 6.22 10.29
CA LEU H 11 -3.61 6.28 9.72
C LEU H 11 -3.53 6.55 8.21
N LEU H 12 -2.59 7.41 7.82
CA LEU H 12 -2.47 7.85 6.44
C LEU H 12 -2.11 6.70 5.53
N GLU H 13 -1.26 5.82 6.03
CA GLU H 13 -0.79 4.70 5.26
C GLU H 13 -1.85 3.60 5.15
N GLU H 14 -2.72 3.38 6.16
CA GLU H 14 -3.80 2.44 5.86
C GLU H 14 -4.79 3.06 4.86
N ALA H 15 -4.89 4.38 4.82
CA ALA H 15 -5.70 5.02 3.78
C ALA H 15 -5.06 4.85 2.39
N GLU H 16 -3.73 4.98 2.32
CA GLU H 16 -3.00 4.74 1.06
C GLU H 16 -3.37 3.36 0.54
N LYS H 17 -3.44 2.43 1.48
CA LYS H 17 -3.72 1.04 1.23
C LYS H 17 -5.10 0.87 0.58
N LYS H 18 -6.09 1.54 1.18
CA LYS H 18 -7.46 1.49 0.67
C LYS H 18 -7.58 2.03 -0.74
N LEU H 19 -6.90 3.15 -0.97
CA LEU H 19 -7.00 3.91 -2.20
C LEU H 19 -6.64 3.08 -3.40
N TYR H 20 -5.42 2.62 -3.36
CA TYR H 20 -4.83 2.00 -4.52
C TYR H 20 -5.54 0.68 -4.87
N LYS H 21 -5.99 -0.02 -3.82
CA LYS H 21 -6.69 -1.29 -4.03
C LYS H 21 -7.96 -1.09 -4.85
N LEU H 22 -8.78 -0.16 -4.39
CA LEU H 22 -10.07 0.04 -5.03
C LEU H 22 -9.98 0.71 -6.41
N GLU H 23 -8.90 1.43 -6.66
CA GLU H 23 -8.71 2.15 -7.91
C GLU H 23 -8.42 1.23 -9.13
N ASP H 24 -7.64 0.14 -8.93
CA ASP H 24 -7.53 -0.89 -9.97
C ASP H 24 -8.88 -1.60 -10.11
N LYS H 25 -9.51 -1.83 -8.99
CA LYS H 25 -10.93 -2.29 -8.96
C LYS H 25 -11.76 -1.36 -9.83
N THR H 26 -11.38 -0.11 -9.98
CA THR H 26 -12.07 0.68 -11.02
C THR H 26 -11.64 0.24 -12.42
N ARG H 27 -10.35 -0.06 -12.71
CA ARG H 27 -9.88 -0.63 -14.02
C ARG H 27 -10.54 -2.00 -14.21
N ARG H 28 -10.71 -2.78 -13.16
CA ARG H 28 -11.35 -4.09 -13.42
C ARG H 28 -12.73 -3.91 -14.01
N SER H 29 -13.67 -3.14 -13.37
CA SER H 29 -14.92 -3.14 -14.11
C SER H 29 -15.05 -1.94 -15.02
N GLU H 30 -14.10 -1.06 -15.09
CA GLU H 30 -14.29 0.00 -16.04
C GLU H 30 -14.11 -0.51 -17.44
N GLU H 31 -13.16 -1.41 -17.70
CA GLU H 31 -13.10 -1.74 -19.13
C GLU H 31 -14.18 -2.74 -19.57
N ILE H 32 -14.98 -3.25 -18.64
CA ILE H 32 -16.08 -4.17 -19.00
C ILE H 32 -17.25 -3.27 -19.35
N SER H 33 -17.22 -2.66 -20.53
CA SER H 33 -18.36 -1.86 -20.96
C SER H 33 -19.51 -2.75 -21.41
N LYS H 34 -19.22 -4.00 -21.78
CA LYS H 34 -20.20 -4.95 -22.32
C LYS H 34 -20.95 -4.20 -23.44
N THR H 35 -22.29 -4.14 -23.42
CA THR H 35 -22.95 -3.47 -24.53
C THR H 35 -22.88 -1.99 -24.31
N ASP H 36 -22.70 -1.30 -25.41
CA ASP H 36 -22.46 0.11 -25.53
C ASP H 36 -23.72 0.88 -25.89
N ASP H 37 -24.83 0.67 -25.17
CA ASP H 37 -26.08 1.38 -25.44
C ASP H 37 -26.65 2.16 -24.23
N ASP H 38 -25.77 2.72 -23.33
CA ASP H 38 -26.22 3.52 -22.16
C ASP H 38 -25.22 4.65 -21.85
N PRO H 39 -25.67 5.93 -21.97
CA PRO H 39 -24.84 7.15 -21.83
C PRO H 39 -24.42 7.72 -20.49
N LYS H 40 -25.41 7.93 -19.64
CA LYS H 40 -25.15 8.51 -18.35
C LYS H 40 -24.19 7.62 -17.61
N ALA H 41 -24.33 6.32 -17.83
CA ALA H 41 -23.44 5.35 -17.27
C ALA H 41 -22.00 5.69 -17.65
N GLN H 42 -21.80 6.10 -18.90
CA GLN H 42 -20.46 6.46 -19.33
C GLN H 42 -19.91 7.58 -18.48
N SER H 43 -20.61 8.70 -18.44
CA SER H 43 -20.03 9.81 -17.72
C SER H 43 -19.97 9.54 -16.24
N LEU H 44 -20.91 8.79 -15.71
CA LEU H 44 -20.89 8.59 -14.27
C LEU H 44 -19.67 7.74 -13.85
N GLN H 45 -19.34 6.67 -14.63
CA GLN H 45 -18.10 5.84 -14.44
C GLN H 45 -16.90 6.69 -14.68
N LEU H 46 -16.98 7.61 -15.61
CA LEU H 46 -15.77 8.36 -15.84
C LEU H 46 -15.59 9.33 -14.68
N ILE H 47 -16.66 9.89 -14.11
CA ILE H 47 -16.41 10.81 -12.99
C ILE H 47 -16.04 10.04 -11.74
N ALA H 48 -16.38 8.75 -11.63
CA ALA H 48 -15.82 7.97 -10.53
C ALA H 48 -14.32 7.87 -10.68
N GLU H 49 -13.82 7.70 -11.90
CA GLU H 49 -12.37 7.69 -12.05
C GLU H 49 -11.81 9.01 -11.57
N SER H 50 -12.48 10.10 -11.96
CA SER H 50 -11.99 11.42 -11.59
C SER H 50 -11.92 11.56 -10.08
N LEU H 51 -12.88 10.96 -9.43
CA LEU H 51 -12.97 11.06 -7.99
C LEU H 51 -11.90 10.23 -7.32
N MET H 52 -11.54 9.12 -7.94
CA MET H 52 -10.42 8.35 -7.44
C MET H 52 -9.14 9.19 -7.55
N LEU H 53 -9.07 10.04 -8.56
CA LEU H 53 -7.90 10.89 -8.64
C LEU H 53 -7.89 11.90 -7.48
N ILE H 54 -9.05 12.40 -7.10
CA ILE H 54 -9.01 13.37 -6.03
C ILE H 54 -8.69 12.72 -4.69
N ALA H 55 -9.16 11.51 -4.42
CA ALA H 55 -8.78 11.00 -3.11
C ALA H 55 -7.26 10.86 -3.05
N GLU H 56 -6.66 10.45 -4.17
CA GLU H 56 -5.19 10.34 -4.25
C GLU H 56 -4.51 11.64 -3.89
N SER H 57 -5.00 12.72 -4.49
CA SER H 57 -4.39 14.02 -4.30
C SER H 57 -4.47 14.45 -2.88
N LEU H 58 -5.67 14.34 -2.34
CA LEU H 58 -5.89 14.81 -1.00
C LEU H 58 -4.99 14.07 -0.07
N LEU H 59 -4.73 12.84 -0.42
CA LEU H 59 -3.80 12.08 0.35
C LEU H 59 -2.38 12.62 0.19
N ILE H 60 -1.97 13.06 -1.00
CA ILE H 60 -0.62 13.62 -1.03
C ILE H 60 -0.59 14.91 -0.23
N ILE H 61 -1.67 15.68 -0.28
CA ILE H 61 -1.67 16.88 0.52
C ILE H 61 -1.61 16.50 1.98
N ALA H 62 -2.29 15.43 2.33
CA ALA H 62 -2.32 15.02 3.72
C ALA H 62 -0.97 14.54 4.18
N ILE H 63 -0.31 13.70 3.38
CA ILE H 63 1.02 13.32 3.80
C ILE H 63 1.88 14.56 3.92
N SER H 64 1.79 15.46 2.97
CA SER H 64 2.73 16.56 2.92
C SER H 64 2.51 17.47 4.10
N LEU H 65 1.26 17.70 4.41
CA LEU H 65 0.98 18.60 5.49
C LEU H 65 1.37 17.98 6.81
N LEU H 66 1.17 16.68 6.98
CA LEU H 66 1.66 16.14 8.23
C LEU H 66 3.17 16.01 8.21
N LEU H 67 3.72 15.83 7.02
CA LEU H 67 5.16 15.82 6.90
C LEU H 67 5.72 17.12 7.41
N SER H 68 5.12 18.21 7.00
CA SER H 68 5.77 19.47 7.30
C SER H 68 5.51 19.97 8.71
N SER H 69 4.50 19.46 9.40
CA SER H 69 4.20 19.83 10.81
C SER H 69 4.40 21.33 11.13
N THR I 1 -4.75 28.39 27.79
CA THR I 1 -5.90 27.49 28.15
C THR I 1 -6.81 27.33 26.93
N GLU I 2 -6.27 26.84 25.82
CA GLU I 2 -7.00 26.93 24.57
C GLU I 2 -8.17 25.93 24.54
N ASP I 3 -9.26 26.38 25.16
CA ASP I 3 -10.55 25.70 25.16
C ASP I 3 -11.18 25.77 23.79
N GLU I 4 -10.86 26.79 22.98
CA GLU I 4 -11.40 26.80 21.63
C GLU I 4 -10.93 25.57 20.89
N ILE I 5 -9.64 25.42 20.84
CA ILE I 5 -9.05 24.28 20.16
C ILE I 5 -9.60 23.01 20.79
N ARG I 6 -9.72 23.01 22.11
CA ARG I 6 -10.10 21.80 22.80
C ARG I 6 -11.58 21.44 22.70
N LYS I 7 -12.51 22.35 22.94
CA LYS I 7 -13.90 21.94 22.78
C LYS I 7 -14.26 21.80 21.29
N LEU I 8 -13.57 22.55 20.43
CA LEU I 8 -13.70 22.31 19.00
C LEU I 8 -13.30 20.87 18.66
N ARG I 9 -12.21 20.41 19.25
CA ARG I 9 -11.69 19.09 18.92
C ARG I 9 -12.40 17.99 19.68
N LYS I 10 -13.19 18.32 20.71
CA LYS I 10 -14.25 17.43 21.14
C LYS I 10 -15.19 17.15 19.95
N LEU I 11 -15.57 18.20 19.20
CA LEU I 11 -16.38 17.90 18.02
C LEU I 11 -15.64 16.95 17.07
N LEU I 12 -14.36 17.21 16.83
CA LEU I 12 -13.67 16.37 15.86
C LEU I 12 -13.53 14.92 16.33
N GLU I 13 -13.28 14.74 17.63
CA GLU I 13 -13.13 13.39 18.14
C GLU I 13 -14.37 12.59 17.84
N GLU I 14 -15.53 13.23 17.96
CA GLU I 14 -16.77 12.52 17.65
C GLU I 14 -16.88 12.19 16.17
N ALA I 15 -16.37 13.07 15.30
CA ALA I 15 -16.41 12.79 13.87
C ALA I 15 -15.71 11.49 13.53
N GLU I 16 -14.69 11.14 14.30
CA GLU I 16 -13.95 9.90 13.99
C GLU I 16 -14.81 8.61 14.06
N LYS I 17 -15.65 8.44 15.08
CA LYS I 17 -16.58 7.26 15.12
C LYS I 17 -17.56 7.22 13.95
N LYS I 18 -18.03 8.38 13.46
CA LYS I 18 -18.94 8.41 12.29
C LYS I 18 -18.29 7.71 11.08
N LEU I 19 -16.99 7.96 10.86
CA LEU I 19 -16.10 7.36 9.86
C LEU I 19 -15.99 5.89 10.03
N TYR I 20 -15.86 5.39 11.22
CA TYR I 20 -15.80 3.95 11.44
C TYR I 20 -17.09 3.23 11.04
N LYS I 21 -18.26 3.72 11.38
CA LYS I 21 -19.52 3.10 10.91
C LYS I 21 -19.69 3.28 9.40
N LEU I 22 -19.06 4.28 8.80
CA LEU I 22 -19.07 4.47 7.32
C LEU I 22 -18.23 3.39 6.65
N GLU I 23 -17.26 2.86 7.38
CA GLU I 23 -16.49 1.77 6.79
C GLU I 23 -17.25 0.45 6.82
N ASP I 24 -17.97 0.22 7.92
CA ASP I 24 -18.69 -1.04 8.06
C ASP I 24 -19.87 -1.11 7.08
N LYS I 25 -20.63 -0.03 6.91
CA LYS I 25 -21.73 -0.13 5.95
C LYS I 25 -21.22 -0.23 4.50
N THR I 26 -20.08 0.41 4.15
CA THR I 26 -19.58 0.17 2.79
C THR I 26 -19.34 -1.31 2.58
N ARG I 27 -18.78 -1.98 3.58
CA ARG I 27 -18.54 -3.40 3.44
C ARG I 27 -19.82 -4.19 3.28
N ARG I 28 -20.82 -3.79 4.04
CA ARG I 28 -22.07 -4.52 4.03
C ARG I 28 -22.72 -4.47 2.66
N SER I 29 -22.81 -3.29 2.10
CA SER I 29 -23.37 -3.18 0.77
C SER I 29 -22.40 -3.68 -0.28
N GLU I 30 -21.12 -3.82 0.07
CA GLU I 30 -20.14 -4.27 -0.89
C GLU I 30 -20.38 -5.72 -1.27
N GLU I 31 -20.80 -6.55 -0.33
CA GLU I 31 -21.01 -7.95 -0.64
C GLU I 31 -22.50 -8.33 -0.71
N ILE I 32 -23.41 -7.37 -0.83
CA ILE I 32 -24.85 -7.65 -1.00
C ILE I 32 -25.21 -7.63 -2.48
N SER I 33 -24.19 -7.79 -3.29
CA SER I 33 -24.16 -7.88 -4.73
C SER I 33 -24.50 -9.31 -5.20
N LYS I 34 -25.45 -9.46 -6.15
CA LYS I 34 -26.16 -10.72 -6.46
C LYS I 34 -26.24 -11.12 -7.93
N THR I 35 -25.39 -12.07 -8.38
CA THR I 35 -25.20 -12.47 -9.80
C THR I 35 -25.29 -11.24 -10.70
N ASP I 36 -24.45 -10.27 -10.34
CA ASP I 36 -24.62 -8.83 -10.52
C ASP I 36 -25.03 -8.42 -11.93
N ASP I 37 -26.22 -7.77 -11.99
CA ASP I 37 -26.86 -7.28 -13.22
C ASP I 37 -26.94 -5.75 -13.44
N ASP I 38 -26.90 -4.86 -12.41
CA ASP I 38 -27.09 -3.40 -12.66
C ASP I 38 -25.68 -2.76 -12.74
N PRO I 39 -25.15 -2.13 -13.97
CA PRO I 39 -23.75 -1.60 -14.01
C PRO I 39 -23.50 -0.14 -13.66
N LYS I 40 -24.44 0.77 -13.92
CA LYS I 40 -24.11 2.06 -13.33
C LYS I 40 -24.24 1.98 -11.81
N ALA I 41 -24.87 0.93 -11.29
CA ALA I 41 -24.83 0.71 -9.86
C ALA I 41 -23.41 0.39 -9.44
N GLN I 42 -22.73 -0.43 -10.22
CA GLN I 42 -21.39 -0.74 -9.83
C GLN I 42 -20.59 0.54 -9.85
N SER I 43 -20.89 1.45 -10.79
CA SER I 43 -20.08 2.66 -10.72
C SER I 43 -20.43 3.59 -9.58
N LEU I 44 -21.71 3.80 -9.24
CA LEU I 44 -21.89 4.70 -8.11
C LEU I 44 -21.45 4.01 -6.82
N GLN I 45 -21.54 2.70 -6.75
CA GLN I 45 -20.95 2.07 -5.58
C GLN I 45 -19.45 2.36 -5.57
N LEU I 46 -18.85 2.36 -6.74
CA LEU I 46 -17.45 2.73 -6.70
C LEU I 46 -17.29 4.16 -6.24
N ILE I 47 -18.19 5.04 -6.64
CA ILE I 47 -17.94 6.39 -6.22
C ILE I 47 -18.10 6.52 -4.71
N ALA I 48 -19.01 5.76 -4.07
CA ALA I 48 -19.11 5.93 -2.61
C ALA I 48 -17.84 5.44 -1.92
N GLU I 49 -17.22 4.35 -2.38
CA GLU I 49 -15.97 4.00 -1.73
C GLU I 49 -14.98 5.15 -1.89
N SER I 50 -15.03 5.81 -3.06
CA SER I 50 -14.10 6.88 -3.33
C SER I 50 -14.29 8.06 -2.38
N LEU I 51 -15.52 8.50 -2.16
CA LEU I 51 -15.56 9.67 -1.29
C LEU I 51 -15.45 9.27 0.18
N MET I 52 -15.66 8.00 0.53
CA MET I 52 -15.35 7.63 1.89
C MET I 52 -13.86 7.81 2.14
N LEU I 53 -13.01 7.44 1.18
CA LEU I 53 -11.60 7.71 1.46
C LEU I 53 -11.30 9.20 1.32
N ILE I 54 -11.99 9.93 0.46
CA ILE I 54 -11.67 11.35 0.41
C ILE I 54 -11.94 11.97 1.79
N ALA I 55 -13.04 11.58 2.42
CA ALA I 55 -13.41 12.17 3.71
C ALA I 55 -12.49 11.73 4.81
N GLU I 56 -12.12 10.47 4.77
CA GLU I 56 -11.11 9.99 5.69
C GLU I 56 -9.87 10.84 5.60
N SER I 57 -9.44 11.14 4.38
CA SER I 57 -8.20 11.88 4.21
C SER I 57 -8.33 13.29 4.77
N LEU I 58 -9.43 13.96 4.47
CA LEU I 58 -9.54 15.28 5.03
C LEU I 58 -9.69 15.22 6.54
N LEU I 59 -10.21 14.14 7.06
CA LEU I 59 -10.21 14.02 8.50
C LEU I 59 -8.77 13.98 9.02
N ILE I 60 -7.89 13.26 8.31
CA ILE I 60 -6.51 13.29 8.79
C ILE I 60 -5.99 14.70 8.75
N ILE I 61 -6.27 15.40 7.66
CA ILE I 61 -5.61 16.69 7.66
C ILE I 61 -6.31 17.68 8.57
N ALA I 62 -7.57 17.54 8.91
CA ALA I 62 -8.03 18.50 9.90
C ALA I 62 -7.28 18.28 11.19
N ILE I 63 -7.15 17.03 11.62
CA ILE I 63 -6.37 16.83 12.84
C ILE I 63 -4.93 17.31 12.63
N SER I 64 -4.35 17.05 11.46
CA SER I 64 -2.95 17.40 11.25
C SER I 64 -2.78 18.90 11.17
N LEU I 65 -3.74 19.59 10.59
CA LEU I 65 -3.64 21.03 10.54
C LEU I 65 -3.80 21.57 11.94
N LEU I 66 -4.49 20.85 12.81
CA LEU I 66 -4.37 21.31 14.18
C LEU I 66 -3.07 20.85 14.85
N LEU I 67 -2.38 19.82 14.35
CA LEU I 67 -1.00 19.72 14.79
C LEU I 67 -0.27 20.96 14.35
N SER I 68 -0.57 21.41 13.15
CA SER I 68 0.26 22.41 12.53
C SER I 68 0.36 23.62 13.43
N SER I 69 -0.74 24.05 14.03
CA SER I 69 -0.55 25.15 14.95
C SER I 69 -1.33 25.05 16.20
N THR J 1 -9.62 42.47 10.28
CA THR J 1 -9.48 42.90 11.70
C THR J 1 -9.75 41.70 12.60
N GLU J 2 -9.36 41.85 13.87
CA GLU J 2 -9.54 40.81 14.86
C GLU J 2 -11.01 40.48 15.01
N ASP J 3 -11.81 41.50 15.15
CA ASP J 3 -13.20 41.22 15.32
C ASP J 3 -13.89 40.95 13.99
N GLU J 4 -13.24 41.25 12.87
CA GLU J 4 -13.71 40.69 11.61
C GLU J 4 -13.57 39.16 11.65
N ILE J 5 -12.49 38.64 12.27
CA ILE J 5 -12.39 37.18 12.48
C ILE J 5 -13.44 36.74 13.46
N ARG J 6 -13.82 37.58 14.42
CA ARG J 6 -14.86 37.07 15.33
C ARG J 6 -16.21 37.05 14.64
N LYS J 7 -16.48 38.01 13.76
CA LYS J 7 -17.74 37.91 13.03
C LYS J 7 -17.67 36.73 12.06
N LEU J 8 -16.46 36.41 11.58
CA LEU J 8 -16.28 35.14 10.90
C LEU J 8 -16.63 33.99 11.82
N ARG J 9 -16.07 33.98 13.03
CA ARG J 9 -16.35 32.92 13.97
C ARG J 9 -17.85 32.68 14.06
N LYS J 10 -18.65 33.75 14.06
CA LYS J 10 -20.11 33.59 14.14
C LYS J 10 -20.69 33.10 12.79
N LEU J 11 -20.16 33.62 11.69
CA LEU J 11 -20.57 33.18 10.35
C LEU J 11 -20.36 31.69 10.22
N LEU J 12 -19.22 31.29 10.71
CA LEU J 12 -18.75 29.93 10.70
C LEU J 12 -19.64 29.11 11.60
N GLU J 13 -20.08 29.71 12.67
CA GLU J 13 -20.90 28.95 13.58
C GLU J 13 -22.22 28.60 12.91
N GLU J 14 -22.88 29.56 12.26
CA GLU J 14 -24.12 29.06 11.69
C GLU J 14 -23.93 28.27 10.42
N ALA J 15 -22.82 28.42 9.73
CA ALA J 15 -22.63 27.48 8.65
C ALA J 15 -22.65 26.07 9.24
N GLU J 16 -22.03 25.90 10.42
CA GLU J 16 -22.04 24.62 11.15
C GLU J 16 -23.43 24.13 11.46
N LYS J 17 -24.25 24.97 12.06
CA LYS J 17 -25.47 24.32 12.46
C LYS J 17 -26.42 24.15 11.28
N LYS J 18 -26.19 24.89 10.20
CA LYS J 18 -26.86 24.55 8.96
C LYS J 18 -26.52 23.11 8.60
N LEU J 19 -25.27 22.69 8.80
CA LEU J 19 -24.95 21.26 8.58
C LEU J 19 -25.67 20.33 9.56
N TYR J 20 -25.59 20.58 10.86
CA TYR J 20 -26.17 19.52 11.68
C TYR J 20 -27.70 19.41 11.53
N LYS J 21 -28.37 20.47 11.04
CA LYS J 21 -29.81 20.43 10.82
C LYS J 21 -30.22 19.45 9.69
N LEU J 22 -29.56 19.56 8.55
CA LEU J 22 -29.82 18.67 7.44
C LEU J 22 -29.17 17.30 7.68
N GLU J 23 -28.25 17.23 8.64
CA GLU J 23 -27.74 15.93 9.04
C GLU J 23 -28.81 15.16 9.80
N ASP J 24 -29.59 15.83 10.63
CA ASP J 24 -30.71 15.02 11.13
C ASP J 24 -31.70 14.70 10.00
N LYS J 25 -31.84 15.53 8.95
CA LYS J 25 -32.70 15.10 7.85
C LYS J 25 -32.17 13.81 7.18
N THR J 26 -30.84 13.71 7.01
CA THR J 26 -30.32 12.49 6.39
C THR J 26 -30.56 11.31 7.32
N ARG J 27 -30.48 11.53 8.62
CA ARG J 27 -30.73 10.41 9.52
C ARG J 27 -32.16 9.91 9.39
N ARG J 28 -33.11 10.82 9.32
CA ARG J 28 -34.46 10.29 9.26
C ARG J 28 -34.69 9.50 7.99
N SER J 29 -34.22 9.96 6.83
CA SER J 29 -34.54 9.13 5.67
C SER J 29 -33.74 7.83 5.68
N GLU J 30 -32.54 7.84 6.26
CA GLU J 30 -31.77 6.60 6.37
C GLU J 30 -32.61 5.58 7.05
N GLU J 31 -33.29 6.04 8.07
CA GLU J 31 -34.14 5.19 8.86
C GLU J 31 -35.43 4.86 8.16
N ILE J 32 -35.91 5.67 7.23
CA ILE J 32 -37.23 5.30 6.72
C ILE J 32 -37.07 4.37 5.53
N SER J 33 -35.89 3.80 5.34
CA SER J 33 -35.75 2.82 4.27
C SER J 33 -36.73 1.68 4.51
N LYS J 34 -37.51 1.34 3.48
CA LYS J 34 -38.58 0.35 3.65
C LYS J 34 -38.84 -0.52 2.43
N THR J 35 -37.98 -0.55 1.42
CA THR J 35 -38.38 -1.16 0.15
C THR J 35 -37.56 -2.36 -0.30
N ASP J 36 -37.65 -2.62 -1.61
CA ASP J 36 -36.96 -3.68 -2.34
C ASP J 36 -36.01 -3.10 -3.39
N ASP J 37 -35.59 -1.86 -3.24
CA ASP J 37 -34.74 -1.30 -4.28
C ASP J 37 -33.41 -2.01 -4.36
N ASP J 38 -32.77 -1.83 -5.48
CA ASP J 38 -31.56 -2.50 -5.85
C ASP J 38 -30.40 -1.55 -5.65
N PRO J 39 -29.16 -2.02 -5.79
CA PRO J 39 -28.05 -1.38 -5.05
C PRO J 39 -27.83 0.12 -5.31
N LYS J 40 -28.26 0.64 -6.45
CA LYS J 40 -27.97 2.04 -6.77
C LYS J 40 -28.54 3.00 -5.70
N ALA J 41 -29.73 2.70 -5.19
CA ALA J 41 -30.34 3.57 -4.21
C ALA J 41 -29.55 3.62 -2.91
N GLN J 42 -29.33 2.44 -2.36
CA GLN J 42 -28.63 2.35 -1.09
C GLN J 42 -27.25 2.97 -1.22
N SER J 43 -26.59 2.71 -2.34
CA SER J 43 -25.26 3.24 -2.51
C SER J 43 -25.29 4.75 -2.36
N LEU J 44 -26.32 5.38 -2.90
CA LEU J 44 -26.34 6.85 -2.89
C LEU J 44 -26.49 7.42 -1.48
N GLN J 45 -27.44 6.94 -0.76
CA GLN J 45 -27.51 7.39 0.61
C GLN J 45 -26.19 7.15 1.35
N LEU J 46 -25.40 6.13 1.13
CA LEU J 46 -24.14 5.97 1.82
C LEU J 46 -23.24 7.11 1.46
N ILE J 47 -23.21 7.45 0.18
CA ILE J 47 -22.33 8.55 -0.17
C ILE J 47 -22.87 9.83 0.41
N ALA J 48 -24.18 9.92 0.59
CA ALA J 48 -24.73 11.12 1.18
C ALA J 48 -24.19 11.30 2.59
N GLU J 49 -24.15 10.22 3.37
CA GLU J 49 -23.56 10.31 4.70
C GLU J 49 -22.09 10.65 4.61
N SER J 50 -21.40 10.02 3.68
CA SER J 50 -19.97 10.26 3.59
C SER J 50 -19.72 11.71 3.28
N LEU J 51 -20.59 12.28 2.46
CA LEU J 51 -20.43 13.65 2.04
C LEU J 51 -20.78 14.63 3.14
N MET J 52 -21.77 14.31 3.95
CA MET J 52 -21.97 15.19 5.09
C MET J 52 -20.77 15.11 6.01
N LEU J 53 -20.16 13.95 6.13
CA LEU J 53 -19.00 13.90 6.99
C LEU J 53 -17.86 14.70 6.42
N ILE J 54 -17.66 14.69 5.10
CA ILE J 54 -16.51 15.45 4.66
C ILE J 54 -16.76 16.91 4.85
N ALA J 55 -18.00 17.36 4.66
CA ALA J 55 -18.25 18.77 4.89
C ALA J 55 -17.96 19.10 6.34
N GLU J 56 -18.28 18.16 7.23
CA GLU J 56 -17.90 18.29 8.62
C GLU J 56 -16.41 18.52 8.76
N SER J 57 -15.59 17.69 8.11
CA SER J 57 -14.16 17.87 8.34
C SER J 57 -13.70 19.19 7.75
N LEU J 58 -14.25 19.58 6.61
CA LEU J 58 -13.92 20.88 6.09
C LEU J 58 -14.29 21.97 7.08
N LEU J 59 -15.35 21.75 7.84
CA LEU J 59 -15.67 22.77 8.82
C LEU J 59 -14.61 22.82 9.89
N ILE J 60 -14.14 21.69 10.38
CA ILE J 60 -13.13 21.87 11.42
C ILE J 60 -11.86 22.45 10.80
N ILE J 61 -11.48 22.07 9.58
CA ILE J 61 -10.25 22.68 9.08
C ILE J 61 -10.47 24.17 8.95
N ALA J 62 -11.67 24.57 8.54
CA ALA J 62 -11.89 25.99 8.35
C ALA J 62 -11.79 26.72 9.67
N ILE J 63 -12.41 26.18 10.71
CA ILE J 63 -12.30 26.84 11.99
C ILE J 63 -10.84 26.95 12.36
N SER J 64 -10.10 25.85 12.25
CA SER J 64 -8.77 25.87 12.83
C SER J 64 -7.82 26.71 12.01
N LEU J 65 -8.05 26.76 10.71
CA LEU J 65 -7.22 27.60 9.89
C LEU J 65 -7.50 29.06 10.14
N LEU J 66 -8.76 29.42 10.39
CA LEU J 66 -8.97 30.81 10.77
C LEU J 66 -8.46 31.03 12.19
N LEU J 67 -8.30 29.95 12.95
CA LEU J 67 -7.86 30.08 14.34
C LEU J 67 -6.39 30.49 14.45
N SER J 68 -5.48 29.81 13.79
CA SER J 68 -4.11 30.28 14.04
C SER J 68 -3.70 31.44 13.14
N SER J 69 -4.53 31.83 12.18
CA SER J 69 -4.18 32.91 11.28
C SER J 69 -4.50 34.22 11.94
N THR K 1 -0.62 46.72 -2.58
CA THR K 1 -1.02 45.59 -1.70
C THR K 1 -2.57 45.52 -1.60
N GLU K 2 -3.24 46.53 -1.03
CA GLU K 2 -4.68 46.39 -0.75
C GLU K 2 -5.53 46.18 -2.03
N ASP K 3 -5.45 47.00 -3.10
CA ASP K 3 -6.42 46.73 -4.20
C ASP K 3 -6.16 45.35 -4.91
N GLU K 4 -4.92 44.82 -5.01
CA GLU K 4 -4.77 43.44 -5.53
C GLU K 4 -5.38 42.38 -4.59
N ILE K 5 -5.16 42.55 -3.27
CA ILE K 5 -5.55 41.67 -2.16
C ILE K 5 -7.08 41.49 -2.09
N ARG K 6 -7.79 42.58 -2.28
CA ARG K 6 -9.24 42.56 -2.15
C ARG K 6 -9.92 42.38 -3.47
N LYS K 7 -9.26 42.79 -4.57
CA LYS K 7 -9.69 42.34 -5.89
C LYS K 7 -9.91 40.86 -5.76
N LEU K 8 -8.99 40.21 -5.05
CA LEU K 8 -9.24 38.84 -4.67
C LEU K 8 -10.52 38.75 -3.88
N ARG K 9 -10.57 39.49 -2.78
CA ARG K 9 -11.70 39.36 -1.86
C ARG K 9 -13.04 39.73 -2.52
N LYS K 10 -13.10 40.69 -3.43
CA LYS K 10 -14.35 40.98 -4.12
C LYS K 10 -14.71 39.82 -5.03
N LEU K 11 -13.77 39.35 -5.82
CA LEU K 11 -14.03 38.25 -6.73
C LEU K 11 -14.48 37.02 -5.95
N LEU K 12 -13.74 36.75 -4.89
CA LEU K 12 -13.92 35.59 -4.05
C LEU K 12 -15.28 35.62 -3.42
N GLU K 13 -15.63 36.78 -2.93
CA GLU K 13 -16.86 36.97 -2.20
C GLU K 13 -18.08 37.14 -3.11
N GLU K 14 -17.95 37.69 -4.32
CA GLU K 14 -19.12 37.61 -5.21
C GLU K 14 -19.36 36.17 -5.56
N ALA K 15 -18.31 35.37 -5.53
CA ALA K 15 -18.56 33.96 -5.72
C ALA K 15 -19.30 33.38 -4.52
N GLU K 16 -18.92 33.78 -3.29
CA GLU K 16 -19.73 33.30 -2.16
C GLU K 16 -21.18 33.71 -2.33
N LYS K 17 -21.45 34.93 -2.74
CA LYS K 17 -22.87 35.13 -2.75
C LYS K 17 -23.58 34.70 -4.03
N LYS K 18 -22.86 34.39 -5.11
CA LYS K 18 -23.54 33.66 -6.17
C LYS K 18 -23.91 32.27 -5.65
N LEU K 19 -23.05 31.74 -4.77
CA LEU K 19 -23.38 30.51 -4.07
C LEU K 19 -24.68 30.65 -3.33
N TYR K 20 -24.81 31.68 -2.53
CA TYR K 20 -26.03 31.59 -1.76
C TYR K 20 -27.26 31.98 -2.57
N LYS K 21 -27.09 32.68 -3.69
CA LYS K 21 -28.25 32.88 -4.55
C LYS K 21 -28.82 31.53 -4.96
N LEU K 22 -27.94 30.63 -5.44
CA LEU K 22 -28.51 29.36 -5.89
C LEU K 22 -28.82 28.36 -4.76
N GLU K 23 -28.17 28.37 -3.57
CA GLU K 23 -28.73 27.41 -2.59
C GLU K 23 -30.09 27.88 -2.11
N ASP K 24 -30.35 29.18 -2.12
CA ASP K 24 -31.73 29.56 -1.85
C ASP K 24 -32.63 29.02 -2.93
N LYS K 25 -32.15 29.01 -4.18
CA LYS K 25 -32.99 28.47 -5.24
C LYS K 25 -33.33 26.99 -5.00
N THR K 26 -32.32 26.16 -4.70
CA THR K 26 -32.62 24.75 -4.47
C THR K 26 -33.30 24.46 -3.15
N ARG K 27 -33.11 25.28 -2.13
CA ARG K 27 -33.88 24.94 -0.94
C ARG K 27 -35.34 25.17 -1.21
N ARG K 28 -35.63 26.19 -2.03
CA ARG K 28 -36.99 26.27 -2.50
C ARG K 28 -37.35 25.00 -3.27
N SER K 29 -36.42 24.43 -4.04
CA SER K 29 -36.86 23.21 -4.71
C SER K 29 -36.99 22.02 -3.74
N GLU K 30 -36.22 21.96 -2.64
CA GLU K 30 -36.44 20.77 -1.81
C GLU K 30 -37.81 20.80 -1.22
N GLU K 31 -38.30 21.99 -0.89
CA GLU K 31 -39.63 21.97 -0.32
C GLU K 31 -40.70 21.68 -1.40
N ILE K 32 -40.44 21.91 -2.68
CA ILE K 32 -41.48 21.63 -3.67
C ILE K 32 -41.37 20.18 -4.11
N SER K 33 -40.55 19.40 -3.45
CA SER K 33 -40.47 18.02 -3.88
C SER K 33 -41.66 17.25 -3.37
N LYS K 34 -41.95 17.38 -2.08
CA LYS K 34 -43.07 16.67 -1.44
C LYS K 34 -42.81 15.18 -1.63
N THR K 35 -43.77 14.35 -2.09
CA THR K 35 -43.43 12.98 -2.48
C THR K 35 -43.98 12.69 -3.89
N ASP K 36 -43.45 11.57 -4.48
CA ASP K 36 -43.68 10.81 -5.76
C ASP K 36 -42.74 9.56 -5.69
N ASP K 37 -42.62 8.71 -6.75
CA ASP K 37 -42.11 7.31 -6.62
C ASP K 37 -40.61 7.13 -6.35
N ASP K 38 -39.72 8.10 -6.59
CA ASP K 38 -38.28 7.84 -6.45
C ASP K 38 -37.61 8.44 -5.22
N PRO K 39 -37.47 7.66 -4.14
CA PRO K 39 -36.73 8.12 -2.96
C PRO K 39 -35.27 8.30 -3.24
N LYS K 40 -34.83 7.77 -4.35
CA LYS K 40 -33.47 8.01 -4.77
C LYS K 40 -33.25 9.51 -4.97
N ALA K 41 -34.29 10.19 -5.45
CA ALA K 41 -34.28 11.64 -5.56
C ALA K 41 -34.24 12.26 -4.17
N GLN K 42 -34.91 11.59 -3.24
CA GLN K 42 -34.90 12.04 -1.86
C GLN K 42 -33.48 12.07 -1.34
N SER K 43 -32.75 11.01 -1.43
CA SER K 43 -31.36 11.13 -0.98
C SER K 43 -30.60 12.02 -1.95
N LEU K 44 -31.00 12.20 -3.20
CA LEU K 44 -30.26 13.15 -4.01
C LEU K 44 -30.42 14.57 -3.48
N GLN K 45 -31.61 15.03 -3.13
CA GLN K 45 -31.58 16.38 -2.62
C GLN K 45 -30.81 16.44 -1.31
N LEU K 46 -30.84 15.38 -0.52
CA LEU K 46 -30.06 15.47 0.72
C LEU K 46 -28.58 15.64 0.40
N ILE K 47 -28.04 14.81 -0.48
CA ILE K 47 -26.62 14.93 -0.73
C ILE K 47 -26.35 16.22 -1.48
N ALA K 48 -27.29 16.66 -2.31
CA ALA K 48 -27.08 17.88 -3.06
C ALA K 48 -26.94 19.06 -2.13
N GLU K 49 -27.77 19.09 -1.11
CA GLU K 49 -27.70 20.14 -0.11
C GLU K 49 -26.40 20.12 0.65
N SER K 50 -25.95 18.93 1.02
CA SER K 50 -24.70 18.86 1.78
C SER K 50 -23.55 19.30 0.92
N LEU K 51 -23.64 19.02 -0.35
CA LEU K 51 -22.55 19.39 -1.23
C LEU K 51 -22.50 20.90 -1.38
N MET K 52 -23.67 21.52 -1.39
CA MET K 52 -23.69 22.96 -1.36
C MET K 52 -23.04 23.47 -0.09
N LEU K 53 -23.20 22.69 0.96
CA LEU K 53 -22.58 23.05 2.21
C LEU K 53 -21.06 22.95 2.13
N ILE K 54 -20.53 21.96 1.41
CA ILE K 54 -19.08 21.87 1.34
C ILE K 54 -18.57 23.14 0.71
N ALA K 55 -19.28 23.63 -0.31
CA ALA K 55 -18.78 24.79 -1.03
C ALA K 55 -18.70 26.01 -0.13
N GLU K 56 -19.69 26.14 0.73
CA GLU K 56 -19.63 27.21 1.70
C GLU K 56 -18.38 27.08 2.54
N SER K 57 -18.10 25.91 3.12
CA SER K 57 -16.94 25.88 4.02
C SER K 57 -15.66 26.18 3.27
N LEU K 58 -15.55 25.62 2.09
CA LEU K 58 -14.38 25.77 1.28
C LEU K 58 -14.13 27.23 0.93
N LEU K 59 -15.21 27.97 0.74
CA LEU K 59 -15.03 29.37 0.44
C LEU K 59 -14.57 30.14 1.67
N ILE K 60 -15.10 29.91 2.83
CA ILE K 60 -14.64 30.55 4.07
C ILE K 60 -13.15 30.27 4.16
N ILE K 61 -12.74 29.04 3.83
CA ILE K 61 -11.39 28.63 3.99
C ILE K 61 -10.53 29.38 3.00
N ALA K 62 -11.08 29.67 1.84
CA ALA K 62 -10.32 30.45 0.87
C ALA K 62 -10.12 31.88 1.36
N ILE K 63 -11.16 32.51 1.90
CA ILE K 63 -10.93 33.87 2.39
C ILE K 63 -9.85 33.82 3.46
N SER K 64 -9.94 32.84 4.35
CA SER K 64 -9.02 32.85 5.48
C SER K 64 -7.61 32.59 5.01
N LEU K 65 -7.46 31.80 3.97
CA LEU K 65 -6.13 31.53 3.49
C LEU K 65 -5.57 32.76 2.78
N LEU K 66 -6.43 33.56 2.15
CA LEU K 66 -5.90 34.79 1.59
C LEU K 66 -5.61 35.82 2.69
N LEU K 67 -6.33 35.75 3.79
CA LEU K 67 -6.01 36.57 4.93
C LEU K 67 -4.71 36.12 5.53
N SER K 68 -4.39 34.85 5.34
CA SER K 68 -3.14 34.40 5.88
C SER K 68 -1.97 34.86 5.02
N SER K 69 -2.20 35.33 3.80
CA SER K 69 -1.06 35.85 3.04
C SER K 69 -0.41 36.99 3.80
N THR L 1 9.57 35.14 -9.42
CA THR L 1 10.44 35.36 -10.62
C THR L 1 10.83 34.02 -11.24
N GLU L 2 9.92 33.04 -11.28
CA GLU L 2 10.31 31.71 -11.71
C GLU L 2 9.58 31.25 -12.97
N ASP L 3 10.35 30.56 -13.80
CA ASP L 3 9.81 29.96 -14.99
C ASP L 3 9.05 28.67 -14.66
N GLU L 4 9.40 27.99 -13.56
CA GLU L 4 8.58 26.87 -13.12
C GLU L 4 7.17 27.39 -12.77
N ILE L 5 7.07 28.59 -12.18
CA ILE L 5 5.75 29.23 -12.04
C ILE L 5 5.21 29.70 -13.40
N ARG L 6 6.04 29.81 -14.45
CA ARG L 6 5.49 30.13 -15.76
C ARG L 6 4.66 28.96 -16.27
N LYS L 7 5.09 27.71 -16.05
CA LYS L 7 4.14 26.65 -16.38
C LYS L 7 3.03 26.53 -15.34
N LEU L 8 3.33 26.82 -14.06
CA LEU L 8 2.25 26.75 -13.07
C LEU L 8 1.12 27.68 -13.46
N LYS L 9 1.43 28.95 -13.68
CA LYS L 9 0.39 29.90 -14.00
C LYS L 9 -0.19 29.61 -15.38
N LYS L 10 0.59 29.09 -16.32
CA LYS L 10 0.04 28.79 -17.64
C LYS L 10 -1.18 27.85 -17.52
N LEU L 11 -0.98 26.64 -16.99
CA LEU L 11 -2.15 25.79 -16.91
C LEU L 11 -3.19 26.40 -15.96
N LEU L 12 -2.74 27.02 -14.86
CA LEU L 12 -3.69 27.51 -13.87
C LEU L 12 -4.58 28.63 -14.38
N GLU L 13 -4.05 29.51 -15.20
CA GLU L 13 -4.92 30.55 -15.69
C GLU L 13 -5.89 29.94 -16.67
N GLU L 14 -5.46 28.99 -17.49
CA GLU L 14 -6.55 28.41 -18.28
C GLU L 14 -7.42 27.46 -17.45
N ALA L 15 -7.01 27.11 -16.25
CA ALA L 15 -7.93 26.35 -15.43
C ALA L 15 -9.10 27.25 -15.04
N GLU L 16 -8.79 28.50 -14.68
CA GLU L 16 -9.87 29.45 -14.50
C GLU L 16 -10.67 29.57 -15.79
N LYS L 17 -9.98 29.52 -16.93
CA LYS L 17 -10.67 29.80 -18.19
C LYS L 17 -11.71 28.73 -18.52
N LYS L 18 -11.29 27.49 -18.47
CA LYS L 18 -12.15 26.37 -18.74
C LYS L 18 -13.34 26.37 -17.83
N LEU L 19 -13.09 26.80 -16.58
CA LEU L 19 -14.15 26.78 -15.59
C LEU L 19 -15.35 27.55 -16.08
N TYR L 20 -15.18 28.82 -16.44
CA TYR L 20 -16.40 29.50 -16.82
C TYR L 20 -16.84 29.15 -18.23
N LYS L 21 -15.97 28.60 -19.08
CA LYS L 21 -16.57 28.08 -20.30
C LYS L 21 -17.58 26.99 -19.92
N LEU L 22 -17.25 26.11 -18.97
CA LEU L 22 -18.33 25.20 -18.61
C LEU L 22 -19.44 25.81 -17.73
N GLU L 23 -19.21 26.81 -16.86
CA GLU L 23 -20.39 27.28 -16.12
C GLU L 23 -21.34 28.05 -17.04
N ASP L 24 -20.83 28.68 -18.08
CA ASP L 24 -21.78 29.24 -19.04
C ASP L 24 -22.51 28.12 -19.81
N LYS L 25 -21.87 26.99 -20.09
CA LYS L 25 -22.64 25.89 -20.71
C LYS L 25 -23.74 25.39 -19.75
N THR L 26 -23.44 25.36 -18.45
CA THR L 26 -24.41 24.90 -17.46
C THR L 26 -25.56 25.91 -17.31
N ARG L 27 -25.26 27.19 -17.48
CA ARG L 27 -26.35 28.17 -17.49
C ARG L 27 -27.24 27.97 -18.71
N ARG L 28 -26.67 27.64 -19.86
CA ARG L 28 -27.52 27.32 -20.99
C ARG L 28 -28.40 26.12 -20.68
N SER L 29 -27.88 25.11 -19.97
CA SER L 29 -28.73 23.95 -19.67
C SER L 29 -29.82 24.26 -18.63
N GLU L 30 -29.56 25.13 -17.67
CA GLU L 30 -30.65 25.46 -16.73
C GLU L 30 -31.68 26.29 -17.43
N GLU L 31 -31.23 27.10 -18.38
CA GLU L 31 -32.18 27.85 -19.15
C GLU L 31 -32.83 27.01 -20.21
N ILE L 32 -32.28 25.97 -20.82
CA ILE L 32 -33.02 25.34 -21.92
C ILE L 32 -33.82 24.13 -21.49
N SER L 33 -33.82 23.78 -20.23
CA SER L 33 -34.70 22.73 -19.76
C SER L 33 -35.60 23.40 -18.75
N LYS L 34 -36.81 23.62 -19.16
CA LYS L 34 -37.69 24.35 -18.29
C LYS L 34 -38.89 23.45 -18.14
N THR L 35 -39.08 22.77 -17.00
CA THR L 35 -40.17 21.82 -16.81
C THR L 35 -40.47 21.60 -15.32
N ASP L 36 -41.68 21.11 -15.04
CA ASP L 36 -42.19 20.89 -13.67
C ASP L 36 -42.54 19.42 -13.40
N ASP L 37 -41.71 18.47 -13.82
CA ASP L 37 -42.07 17.06 -13.72
C ASP L 37 -41.42 16.33 -12.54
N ASP L 38 -40.10 16.03 -12.61
CA ASP L 38 -39.40 15.21 -11.60
C ASP L 38 -38.33 15.98 -10.81
N PRO L 39 -38.34 15.90 -9.48
CA PRO L 39 -37.34 16.63 -8.69
C PRO L 39 -35.95 16.09 -8.90
N LYS L 40 -35.87 14.83 -9.28
CA LYS L 40 -34.58 14.19 -9.41
C LYS L 40 -33.64 15.02 -10.29
N ALA L 41 -34.15 15.42 -11.43
CA ALA L 41 -33.36 16.19 -12.36
C ALA L 41 -33.00 17.54 -11.79
N GLN L 42 -33.97 18.20 -11.18
CA GLN L 42 -33.69 19.52 -10.63
C GLN L 42 -32.55 19.44 -9.63
N SER L 43 -32.60 18.45 -8.74
CA SER L 43 -31.58 18.35 -7.72
C SER L 43 -30.22 18.18 -8.36
N LEU L 44 -30.20 17.47 -9.46
CA LEU L 44 -28.94 17.24 -10.13
C LEU L 44 -28.35 18.51 -10.71
N GLN L 45 -29.17 19.24 -11.43
CA GLN L 45 -28.64 20.43 -12.07
C GLN L 45 -28.20 21.41 -10.97
N LEU L 46 -28.88 21.36 -9.85
CA LEU L 46 -28.46 22.21 -8.76
C LEU L 46 -27.08 21.80 -8.24
N ILE L 47 -26.84 20.49 -8.08
CA ILE L 47 -25.55 20.14 -7.51
C ILE L 47 -24.46 20.60 -8.44
N ALA L 48 -24.69 20.50 -9.75
CA ALA L 48 -23.65 20.91 -10.66
C ALA L 48 -23.32 22.38 -10.49
N GLU L 49 -24.32 23.21 -10.17
CA GLU L 49 -23.98 24.61 -9.95
C GLU L 49 -23.00 24.79 -8.79
N SER L 50 -23.31 24.26 -7.59
CA SER L 50 -22.28 24.64 -6.59
C SER L 50 -21.02 23.82 -6.71
N LEU L 51 -21.06 22.76 -7.51
CA LEU L 51 -19.85 22.03 -7.76
C LEU L 51 -18.90 22.84 -8.62
N MET L 52 -19.44 23.59 -9.56
CA MET L 52 -18.58 24.47 -10.32
C MET L 52 -18.08 25.60 -9.45
N LEU L 53 -18.88 26.05 -8.49
CA LEU L 53 -18.36 27.09 -7.62
C LEU L 53 -17.32 26.57 -6.63
N ILE L 54 -17.44 25.33 -6.19
CA ILE L 54 -16.38 24.83 -5.31
C ILE L 54 -15.13 24.62 -6.12
N ALA L 55 -15.27 24.23 -7.37
CA ALA L 55 -14.08 24.13 -8.20
C ALA L 55 -13.45 25.50 -8.31
N GLU L 56 -14.28 26.51 -8.52
CA GLU L 56 -13.83 27.90 -8.52
C GLU L 56 -13.17 28.26 -7.20
N SER L 57 -13.75 27.84 -6.08
CA SER L 57 -13.20 28.23 -4.79
C SER L 57 -11.79 27.71 -4.62
N LEU L 58 -11.62 26.42 -4.90
CA LEU L 58 -10.33 25.77 -4.73
C LEU L 58 -9.31 26.30 -5.72
N LEU L 59 -9.81 26.74 -6.85
CA LEU L 59 -8.98 27.35 -7.85
C LEU L 59 -8.39 28.64 -7.35
N ILE L 60 -9.23 29.46 -6.71
CA ILE L 60 -8.72 30.70 -6.18
C ILE L 60 -7.84 30.39 -4.96
N ILE L 61 -8.10 29.31 -4.23
CA ILE L 61 -7.09 29.00 -3.22
C ILE L 61 -5.84 28.43 -3.89
N ALA L 62 -5.93 27.81 -5.06
CA ALA L 62 -4.68 27.41 -5.67
C ALA L 62 -3.88 28.67 -5.96
N ILE L 63 -4.58 29.71 -6.42
CA ILE L 63 -3.88 30.98 -6.58
C ILE L 63 -3.29 31.35 -5.25
N SER L 64 -4.13 31.29 -4.22
CA SER L 64 -3.78 31.90 -2.96
C SER L 64 -2.56 31.20 -2.40
N LEU L 65 -2.53 29.89 -2.58
CA LEU L 65 -1.51 29.04 -2.01
C LEU L 65 -0.19 29.14 -2.75
N LEU L 66 -0.20 29.14 -4.08
CA LEU L 66 1.10 29.29 -4.72
C LEU L 66 1.59 30.72 -4.62
N LEU L 67 0.67 31.68 -4.56
CA LEU L 67 1.07 33.05 -4.21
C LEU L 67 1.22 33.20 -2.71
N SER L 68 1.17 32.10 -1.99
CA SER L 68 1.59 32.11 -0.61
C SER L 68 3.06 31.75 -0.44
N SER L 69 3.68 31.00 -1.35
CA SER L 69 5.08 30.64 -1.05
C SER L 69 6.08 30.58 -2.17
N SER M 7 -31.91 4.68 -25.19
CA SER M 7 -30.67 4.77 -24.40
C SER M 7 -30.85 5.82 -23.31
N GLY M 8 -29.76 6.13 -22.58
CA GLY M 8 -29.70 7.18 -21.55
C GLY M 8 -29.27 8.50 -22.19
N LEU M 9 -28.96 9.55 -21.40
CA LEU M 9 -28.82 10.94 -21.91
C LEU M 9 -30.08 11.41 -22.68
N HIS N 1 -34.12 -5.67 2.09
CA HIS N 1 -34.68 -4.91 0.98
C HIS N 1 -35.47 -5.84 0.08
N HIS N 2 -36.73 -6.10 0.42
CA HIS N 2 -37.48 -7.16 -0.22
C HIS N 2 -38.89 -6.73 -0.59
N HIS N 3 -39.42 -7.39 -1.63
CA HIS N 3 -40.80 -7.28 -2.05
C HIS N 3 -41.28 -8.66 -2.46
N HIS N 4 -42.59 -8.84 -2.43
CA HIS N 4 -43.14 -10.16 -2.70
C HIS N 4 -44.55 -10.10 -3.27
S SO4 O . 31.14 -8.51 12.28
O1 SO4 O . 30.26 -7.85 13.22
O2 SO4 O . 31.57 -7.59 11.25
O3 SO4 O . 32.31 -8.96 12.99
O4 SO4 O . 30.51 -9.68 11.68
S SO4 P . -7.05 -33.50 -2.43
O1 SO4 P . -8.49 -33.41 -2.35
O2 SO4 P . -6.40 -32.54 -1.55
O3 SO4 P . -6.63 -33.18 -3.78
O4 SO4 P . -6.63 -34.85 -2.10
S SO4 Q . -1.12 26.36 5.36
O1 SO4 Q . -1.01 25.89 6.72
O2 SO4 Q . -1.65 27.71 5.36
O3 SO4 Q . 0.19 26.45 4.77
O4 SO4 Q . -1.97 25.43 4.63
S SO4 R . -33.96 4.69 -13.78
O1 SO4 R . -34.80 3.54 -14.04
O2 SO4 R . -34.76 5.68 -13.12
O3 SO4 R . -33.48 5.23 -15.04
O4 SO4 R . -32.83 4.32 -12.94
S SO4 S . -35.17 20.03 6.73
O1 SO4 S . -34.98 21.15 7.64
O2 SO4 S . -36.57 19.69 6.61
O3 SO4 S . -34.44 18.88 7.25
O4 SO4 S . -34.64 20.38 5.43
#